data_6RNN
#
_entry.id   6RNN
#
_cell.length_a   84.209
_cell.length_b   88.380
_cell.length_c   123.430
_cell.angle_alpha   90.000
_cell.angle_beta   90.000
_cell.angle_gamma   90.000
#
_symmetry.space_group_name_H-M   'P 21 21 21'
#
loop_
_entity.id
_entity.type
_entity.pdbx_description
1 polymer 'Immunoglobulin light chain'
2 polymer 'Immunoglobulin heavy chain'
3 water water
#
loop_
_entity_poly.entity_id
_entity_poly.type
_entity_poly.pdbx_seq_one_letter_code
_entity_poly.pdbx_strand_id
1 'polypeptide(L)'
;METDTLLLWVLLLWVPGSTGDIVLTQSPASLVVSLGQRATISCRASQTVSTSSYSYMHWYQQKPGQPPKLLIYYASNLES
GVPARFTGSGSGTDFTLNIHPVEEEDTATYYCQHSWDIPPTFGAGTKLELRRADAAPTVSIFPPSSEQLTSGGASVVCFL
NNFYPKDINVKWKIDGSERQNGVLNSWTDQDSKDSTYSMSSTLTLTKDEYERHNSYTCEATHKTSTSPIVKSFNRNEC
;
L,C
2 'polypeptide(L)'
;MKMFTLLYLLTVVPGILSDVQLQESGPGLVKPSQTVSLTCTVTGISITTGNYRWSWIRQFPGNKLEWMGYISYSDTITYN
PSLTSRTTITRDISRNQIFLEMNSLTAEDTATYYCAREGVLHWYFAVWGAGTTVTVSSAKTTPPSVYPLAPGCGDTTGSS
VTLGCLVKGYFPESVTVTWNSGSLSSSVHTFPALLQSGLYTMSSSVTVPSSTWPSQTVTCSVAHPASSTTVDKKLEPSGP
ISTINPCPPCKECHKCPAPNLEGGPSVFIFPPNIKDVLMISLTPKVTCVVVDVSEDDPDVQISWFVNNVEVHTAQTQTHR
EDYNSTIRVVSTLPIQHQDWMSGKEFKCKVNNKDLPSPIERTISKIKGLVRAPQVYILPPPAEQLSRKDVSLTCLVVGFN
PGDISVEWTSNGHTEENYKDTAPVLDSDGSYFIYSKLNMKTSKWEKTDSFSCNVRHEGLKNYYLKKTISRSPGK
;
D,H
#
# COMPACT_ATOMS: atom_id res chain seq x y z
N ILE A 22 4.93 -14.88 22.09
CA ILE A 22 4.10 -16.03 21.78
C ILE A 22 4.60 -16.71 20.50
N VAL A 23 4.87 -18.01 20.58
CA VAL A 23 5.35 -18.80 19.45
C VAL A 23 4.21 -19.67 18.95
N LEU A 24 4.09 -19.80 17.62
CA LEU A 24 3.04 -20.59 17.00
C LEU A 24 3.68 -21.76 16.27
N THR A 25 3.16 -22.96 16.51
CA THR A 25 3.65 -24.16 15.84
C THR A 25 2.56 -24.68 14.90
N GLN A 26 2.96 -24.95 13.66
CA GLN A 26 2.03 -25.37 12.61
C GLN A 26 2.32 -26.81 12.22
N SER A 27 1.28 -27.62 12.17
CA SER A 27 1.40 -29.00 11.73
C SER A 27 0.31 -29.31 10.71
N PRO A 28 0.63 -30.07 9.67
CA PRO A 28 1.95 -30.67 9.44
C PRO A 28 2.90 -29.76 8.67
N ALA A 29 4.15 -30.21 8.52
CA ALA A 29 5.13 -29.46 7.74
C ALA A 29 4.70 -29.37 6.28
N SER A 30 4.06 -30.41 5.79
CA SER A 30 3.57 -30.47 4.43
C SER A 30 2.33 -31.36 4.40
N LEU A 31 1.50 -31.15 3.40
CA LEU A 31 0.25 -31.87 3.24
C LEU A 31 0.08 -32.17 1.76
N VAL A 32 -0.35 -33.39 1.44
CA VAL A 32 -0.63 -33.79 0.07
C VAL A 32 -2.11 -34.10 -0.03
N VAL A 33 -2.80 -33.46 -0.97
CA VAL A 33 -4.25 -33.53 -1.07
C VAL A 33 -4.66 -33.68 -2.52
N SER A 34 -5.69 -34.50 -2.76
CA SER A 34 -6.24 -34.67 -4.09
C SER A 34 -7.27 -33.58 -4.38
N LEU A 35 -7.44 -33.26 -5.66
CA LEU A 35 -8.45 -32.28 -6.09
C LEU A 35 -9.82 -32.62 -5.53
N GLY A 36 -10.54 -31.59 -5.07
CA GLY A 36 -11.86 -31.75 -4.49
C GLY A 36 -11.89 -32.22 -3.06
N GLN A 37 -10.76 -32.67 -2.52
CA GLN A 37 -10.71 -33.22 -1.17
C GLN A 37 -10.54 -32.11 -0.12
N ARG A 38 -10.41 -32.50 1.13
CA ARG A 38 -10.31 -31.56 2.24
C ARG A 38 -8.86 -31.44 2.67
N ALA A 39 -8.43 -30.20 2.89
CA ALA A 39 -7.11 -29.92 3.46
C ALA A 39 -7.33 -29.31 4.82
N THR A 40 -6.64 -29.84 5.83
CA THR A 40 -6.82 -29.39 7.19
C THR A 40 -5.45 -29.05 7.75
N ILE A 41 -5.33 -27.83 8.27
CA ILE A 41 -4.08 -27.24 8.72
C ILE A 41 -4.30 -26.73 10.13
N SER A 42 -3.40 -27.05 11.04
CA SER A 42 -3.58 -26.64 12.42
C SER A 42 -2.48 -25.67 12.84
N CYS A 43 -2.83 -24.78 13.77
CA CYS A 43 -1.88 -23.82 14.32
C CYS A 43 -2.01 -23.85 15.84
N ARG A 44 -0.93 -24.22 16.50
CA ARG A 44 -0.92 -24.37 17.95
C ARG A 44 -0.10 -23.24 18.56
N ALA A 45 -0.76 -22.43 19.41
CA ALA A 45 -0.13 -21.28 20.04
C ALA A 45 0.64 -21.71 21.30
N SER A 46 1.08 -20.72 22.07
CA SER A 46 1.66 -20.96 23.39
C SER A 46 0.74 -20.55 24.52
N GLN A 47 -0.17 -19.61 24.27
CA GLN A 47 -1.11 -19.12 25.27
C GLN A 47 -2.44 -18.85 24.58
N THR A 48 -3.49 -18.65 25.36
CA THR A 48 -4.76 -18.25 24.76
C THR A 48 -4.59 -16.94 24.01
N VAL A 49 -5.33 -16.80 22.91
CA VAL A 49 -5.28 -15.59 22.11
C VAL A 49 -6.73 -15.19 21.79
N SER A 50 -7.66 -15.58 22.66
CA SER A 50 -9.07 -15.28 22.50
C SER A 50 -9.54 -14.43 23.67
N THR A 51 -10.31 -13.38 23.37
CA THR A 51 -10.82 -12.45 24.38
C THR A 51 -12.22 -12.86 24.85
N SER A 52 -12.46 -14.18 24.94
CA SER A 52 -13.75 -14.79 25.22
C SER A 52 -14.69 -14.65 24.02
N SER A 53 -14.58 -13.52 23.31
CA SER A 53 -15.32 -13.34 22.07
C SER A 53 -14.30 -13.40 20.93
N TYR A 54 -13.70 -12.28 20.55
CA TYR A 54 -12.74 -12.26 19.45
C TYR A 54 -11.55 -13.16 19.75
N SER A 55 -11.02 -13.79 18.71
CA SER A 55 -9.77 -14.53 18.75
C SER A 55 -8.79 -13.88 17.78
N TYR A 56 -7.55 -13.68 18.22
CA TYR A 56 -6.59 -12.87 17.47
C TYR A 56 -5.70 -13.77 16.62
N MET A 57 -6.33 -14.41 15.63
CA MET A 57 -5.68 -15.38 14.77
C MET A 57 -5.95 -15.04 13.31
N HIS A 58 -4.92 -15.16 12.48
CA HIS A 58 -5.02 -14.79 11.07
C HIS A 58 -4.26 -15.81 10.23
N TRP A 59 -4.71 -15.97 8.98
CA TRP A 59 -4.15 -16.95 8.05
C TRP A 59 -3.77 -16.29 6.73
N TYR A 60 -2.64 -16.70 6.16
CA TYR A 60 -2.16 -16.21 4.88
C TYR A 60 -1.80 -17.36 3.97
N GLN A 61 -1.88 -17.07 2.66
CA GLN A 61 -1.44 -17.95 1.59
C GLN A 61 -0.28 -17.28 0.86
N GLN A 62 0.78 -18.03 0.61
CA GLN A 62 1.90 -17.49 -0.16
C GLN A 62 2.31 -18.48 -1.25
N LYS A 63 2.29 -18.02 -2.48
CA LYS A 63 2.77 -18.75 -3.64
C LYS A 63 4.18 -18.29 -4.01
N PRO A 64 4.99 -19.16 -4.59
CA PRO A 64 6.41 -18.79 -4.80
C PRO A 64 6.55 -17.56 -5.68
N GLY A 65 7.48 -16.69 -5.31
CA GLY A 65 7.74 -15.44 -6.00
C GLY A 65 6.75 -14.33 -5.70
N GLN A 66 5.85 -14.53 -4.75
CA GLN A 66 4.78 -13.58 -4.48
C GLN A 66 4.71 -13.31 -2.99
N PRO A 67 4.19 -12.14 -2.59
CA PRO A 67 3.97 -11.85 -1.18
C PRO A 67 2.86 -12.71 -0.61
N PRO A 68 2.78 -12.85 0.71
CA PRO A 68 1.62 -13.53 1.32
C PRO A 68 0.35 -12.78 1.01
N LYS A 69 -0.75 -13.53 0.97
CA LYS A 69 -2.08 -13.00 0.76
C LYS A 69 -2.94 -13.37 1.97
N LEU A 70 -3.65 -12.39 2.51
CA LEU A 70 -4.49 -12.63 3.67
C LEU A 70 -5.74 -13.38 3.26
N LEU A 71 -6.05 -14.47 3.97
CA LEU A 71 -7.24 -15.27 3.79
C LEU A 71 -8.27 -15.04 4.88
N ILE A 72 -7.85 -15.16 6.14
CA ILE A 72 -8.73 -15.17 7.30
C ILE A 72 -8.17 -14.21 8.32
N TYR A 73 -9.02 -13.35 8.89
CA TYR A 73 -8.60 -12.51 10.00
C TYR A 73 -9.53 -12.71 11.19
N TYR A 74 -8.98 -12.58 12.38
CA TYR A 74 -9.71 -12.87 13.62
C TYR A 74 -10.31 -14.27 13.56
N ALA A 75 -9.43 -15.24 13.35
CA ALA A 75 -9.74 -16.66 13.42
C ALA A 75 -10.72 -17.15 12.36
N SER A 76 -11.80 -16.42 12.08
CA SER A 76 -12.88 -16.98 11.27
C SER A 76 -13.42 -16.09 10.16
N ASN A 77 -12.96 -14.84 10.04
CA ASN A 77 -13.55 -13.89 9.11
C ASN A 77 -12.84 -13.93 7.76
N LEU A 78 -13.61 -14.11 6.70
CA LEU A 78 -13.09 -14.25 5.35
C LEU A 78 -12.82 -12.88 4.73
N GLU A 79 -11.61 -12.70 4.20
CA GLU A 79 -11.29 -11.45 3.54
C GLU A 79 -12.04 -11.32 2.22
N SER A 80 -12.36 -10.08 1.86
CA SER A 80 -13.13 -9.80 0.66
C SER A 80 -12.39 -10.28 -0.59
N GLY A 81 -13.10 -10.97 -1.47
CA GLY A 81 -12.49 -11.51 -2.66
C GLY A 81 -11.81 -12.86 -2.47
N VAL A 82 -11.89 -13.44 -1.28
CA VAL A 82 -11.33 -14.76 -1.02
C VAL A 82 -12.49 -15.76 -1.07
N PRO A 83 -12.34 -16.88 -1.80
CA PRO A 83 -13.46 -17.81 -1.95
C PRO A 83 -13.87 -18.43 -0.62
N ALA A 84 -15.13 -18.85 -0.54
CA ALA A 84 -15.66 -19.43 0.69
C ALA A 84 -15.15 -20.84 0.91
N ARG A 85 -14.36 -21.39 -0.01
CA ARG A 85 -13.67 -22.66 0.20
C ARG A 85 -12.72 -22.60 1.40
N PHE A 86 -12.32 -21.42 1.85
CA PHE A 86 -11.44 -21.27 3.01
C PHE A 86 -12.25 -20.98 4.27
N THR A 87 -12.05 -21.81 5.30
CA THR A 87 -12.75 -21.67 6.56
C THR A 87 -11.75 -21.71 7.70
N GLY A 88 -11.83 -20.73 8.59
CA GLY A 88 -10.98 -20.68 9.77
C GLY A 88 -11.79 -21.01 11.01
N SER A 89 -11.15 -21.65 11.97
CA SER A 89 -11.84 -22.05 13.18
C SER A 89 -10.83 -22.21 14.31
N GLY A 90 -11.36 -22.37 15.51
CA GLY A 90 -10.56 -22.60 16.70
C GLY A 90 -10.79 -21.51 17.73
N SER A 91 -10.16 -21.74 18.89
CA SER A 91 -10.19 -20.77 19.98
C SER A 91 -9.08 -21.12 20.95
N GLY A 92 -8.89 -20.25 21.94
CA GLY A 92 -7.85 -20.42 22.92
C GLY A 92 -6.49 -20.64 22.31
N THR A 93 -6.07 -21.91 22.25
CA THR A 93 -4.74 -22.27 21.79
C THR A 93 -4.72 -23.10 20.50
N ASP A 94 -5.87 -23.61 20.06
CA ASP A 94 -5.95 -24.52 18.91
C ASP A 94 -6.73 -23.83 17.78
N PHE A 95 -6.07 -23.67 16.63
CA PHE A 95 -6.71 -23.01 15.50
C PHE A 95 -6.55 -23.83 14.22
N THR A 96 -7.63 -23.86 13.43
CA THR A 96 -7.71 -24.70 12.24
C THR A 96 -8.01 -23.86 11.00
N LEU A 97 -7.32 -24.14 9.90
CA LEU A 97 -7.71 -23.70 8.58
C LEU A 97 -8.17 -24.91 7.77
N ASN A 98 -9.36 -24.82 7.20
CA ASN A 98 -9.90 -25.86 6.34
C ASN A 98 -10.05 -25.32 4.91
N ILE A 99 -9.56 -26.08 3.95
CA ILE A 99 -9.71 -25.76 2.54
C ILE A 99 -10.58 -26.85 1.93
N HIS A 100 -11.80 -26.48 1.55
CA HIS A 100 -12.77 -27.47 1.09
C HIS A 100 -13.68 -26.86 0.04
N PRO A 101 -13.64 -27.37 -1.20
CA PRO A 101 -12.70 -28.37 -1.72
C PRO A 101 -11.38 -27.73 -2.18
N VAL A 102 -10.28 -28.47 -2.21
CA VAL A 102 -9.03 -27.88 -2.71
C VAL A 102 -9.04 -27.87 -4.22
N GLU A 103 -8.53 -26.79 -4.79
CA GLU A 103 -8.37 -26.64 -6.23
C GLU A 103 -6.89 -26.55 -6.58
N GLU A 104 -6.60 -26.64 -7.88
CA GLU A 104 -5.22 -26.68 -8.35
C GLU A 104 -4.45 -25.40 -7.99
N GLU A 105 -5.13 -24.25 -7.97
CA GLU A 105 -4.50 -22.98 -7.63
C GLU A 105 -4.16 -22.86 -6.15
N ASP A 106 -4.47 -23.86 -5.33
CA ASP A 106 -4.23 -23.80 -3.90
C ASP A 106 -2.84 -24.26 -3.49
N THR A 107 -2.04 -24.77 -4.41
CA THR A 107 -0.67 -25.15 -4.08
C THR A 107 0.10 -23.91 -3.66
N ALA A 108 0.53 -23.90 -2.42
CA ALA A 108 1.07 -22.72 -1.75
C ALA A 108 1.53 -23.16 -0.36
N THR A 109 2.20 -22.25 0.31
CA THR A 109 2.49 -22.37 1.73
C THR A 109 1.52 -21.51 2.51
N TYR A 110 0.93 -22.07 3.55
CA TYR A 110 -0.06 -21.38 4.36
C TYR A 110 0.57 -21.03 5.71
N TYR A 111 0.34 -19.79 6.18
CA TYR A 111 0.88 -19.29 7.45
C TYR A 111 -0.25 -18.88 8.39
N CYS A 112 -0.07 -19.14 9.68
CA CYS A 112 -0.92 -18.50 10.67
C CYS A 112 -0.14 -17.38 11.37
N GLN A 113 -0.88 -16.47 12.00
CA GLN A 113 -0.26 -15.32 12.63
C GLN A 113 -1.20 -14.83 13.72
N HIS A 114 -0.64 -14.43 14.85
CA HIS A 114 -1.44 -13.94 15.96
C HIS A 114 -1.17 -12.45 16.19
N SER A 115 -2.18 -11.74 16.67
CA SER A 115 -2.01 -10.35 17.03
C SER A 115 -2.37 -10.09 18.49
N TRP A 116 -1.81 -10.89 19.42
CA TRP A 116 -2.24 -10.86 20.81
C TRP A 116 -1.46 -9.86 21.64
N ASP A 117 -0.13 -9.92 21.55
CA ASP A 117 0.76 -8.93 22.13
C ASP A 117 1.75 -8.48 21.07
N ILE A 118 2.73 -7.68 21.44
CA ILE A 118 3.77 -7.22 20.52
C ILE A 118 5.01 -8.10 20.74
N PRO A 119 5.66 -8.60 19.69
CA PRO A 119 5.32 -8.43 18.27
C PRO A 119 4.36 -9.50 17.74
N PRO A 120 3.56 -9.16 16.73
CA PRO A 120 2.85 -10.22 16.01
C PRO A 120 3.87 -11.19 15.45
N THR A 121 3.56 -12.49 15.54
CA THR A 121 4.48 -13.53 15.13
C THR A 121 3.76 -14.50 14.21
N PHE A 122 4.56 -15.17 13.38
CA PHE A 122 4.05 -16.03 12.31
C PHE A 122 4.44 -17.48 12.56
N GLY A 123 3.55 -18.39 12.26
CA GLY A 123 3.91 -19.78 12.16
C GLY A 123 4.97 -20.01 11.09
N ALA A 124 5.52 -21.22 11.08
CA ALA A 124 6.57 -21.49 10.10
C ALA A 124 6.02 -21.84 8.73
N GLY A 125 4.73 -22.10 8.61
CA GLY A 125 4.22 -22.38 7.29
C GLY A 125 3.95 -23.86 7.08
N THR A 126 2.95 -24.15 6.26
CA THR A 126 2.56 -25.52 5.92
C THR A 126 2.45 -25.61 4.41
N LYS A 127 3.27 -26.46 3.81
CA LYS A 127 3.29 -26.59 2.36
C LYS A 127 2.19 -27.54 1.93
N LEU A 128 1.34 -27.07 1.03
CA LEU A 128 0.24 -27.86 0.50
C LEU A 128 0.60 -28.22 -0.93
N GLU A 129 0.74 -29.51 -1.21
CA GLU A 129 0.95 -30.01 -2.56
C GLU A 129 -0.30 -30.74 -3.04
N LEU A 130 -0.54 -30.65 -4.34
CA LEU A 130 -1.72 -31.23 -4.95
C LEU A 130 -1.37 -32.59 -5.54
N ARG A 131 -2.23 -33.58 -5.31
CA ARG A 131 -2.04 -34.87 -5.95
C ARG A 131 -2.70 -34.82 -7.32
N ARG A 132 -2.02 -35.40 -8.32
CA ARG A 132 -2.56 -35.53 -9.67
C ARG A 132 -2.18 -36.90 -10.21
N ALA A 133 -2.64 -37.21 -11.42
CA ALA A 133 -2.29 -38.47 -12.05
C ALA A 133 -0.81 -38.49 -12.41
N ASP A 134 -0.19 -39.67 -12.25
CA ASP A 134 1.23 -39.84 -12.57
C ASP A 134 1.52 -39.43 -14.00
N ALA A 135 2.64 -38.75 -14.21
CA ALA A 135 3.04 -38.32 -15.54
C ALA A 135 4.53 -38.55 -15.70
N ALA A 136 4.92 -39.14 -16.80
CA ALA A 136 6.31 -39.43 -17.09
C ALA A 136 7.07 -38.16 -17.46
N PRO A 137 8.36 -38.10 -17.13
CA PRO A 137 9.16 -36.94 -17.52
C PRO A 137 9.44 -36.89 -19.01
N THR A 138 9.56 -35.68 -19.51
CA THR A 138 10.12 -35.42 -20.83
C THR A 138 11.60 -35.09 -20.65
N VAL A 139 12.48 -35.91 -21.20
CA VAL A 139 13.91 -35.84 -20.91
C VAL A 139 14.65 -35.31 -22.13
N SER A 140 15.56 -34.35 -21.89
CA SER A 140 16.41 -33.77 -22.92
C SER A 140 17.83 -33.65 -22.40
N ILE A 141 18.81 -33.97 -23.22
CA ILE A 141 20.21 -33.84 -22.85
C ILE A 141 20.89 -32.85 -23.78
N PHE A 142 21.83 -32.07 -23.24
CA PHE A 142 22.53 -31.02 -23.98
C PHE A 142 24.03 -31.07 -23.73
N PRO A 143 24.84 -31.03 -24.79
CA PRO A 143 26.29 -30.95 -24.60
C PRO A 143 26.68 -29.58 -24.09
N PRO A 144 27.91 -29.41 -23.62
CA PRO A 144 28.38 -28.06 -23.33
C PRO A 144 28.42 -27.27 -24.62
N SER A 145 28.12 -25.98 -24.51
CA SER A 145 28.23 -25.12 -25.69
C SER A 145 29.69 -24.87 -26.01
N SER A 146 29.96 -24.52 -27.27
CA SER A 146 31.33 -24.16 -27.63
C SER A 146 31.78 -22.92 -26.88
N GLU A 147 30.84 -22.04 -26.50
CA GLU A 147 31.20 -20.87 -25.71
C GLU A 147 31.66 -21.24 -24.31
N GLN A 148 31.02 -22.24 -23.69
CA GLN A 148 31.53 -22.70 -22.39
C GLN A 148 32.85 -23.42 -22.55
N LEU A 149 32.99 -24.26 -23.58
CA LEU A 149 34.24 -24.97 -23.80
C LEU A 149 35.39 -24.00 -24.03
N THR A 150 35.12 -22.87 -24.69
CA THR A 150 36.18 -21.88 -24.94
C THR A 150 36.70 -21.31 -23.64
N SER A 151 35.83 -21.10 -22.66
CA SER A 151 36.23 -20.48 -21.39
C SER A 151 36.72 -21.48 -20.36
N GLY A 152 36.80 -22.77 -20.69
CA GLY A 152 37.52 -23.75 -19.88
C GLY A 152 36.67 -24.82 -19.19
N GLY A 153 35.35 -24.65 -19.11
CA GLY A 153 34.51 -25.58 -18.38
C GLY A 153 33.62 -26.41 -19.29
N ALA A 154 33.01 -27.45 -18.70
CA ALA A 154 32.13 -28.33 -19.47
C ALA A 154 30.98 -28.78 -18.59
N SER A 155 29.82 -28.16 -18.77
CA SER A 155 28.60 -28.58 -18.10
C SER A 155 27.75 -29.35 -19.09
N VAL A 156 27.41 -30.58 -18.74
CA VAL A 156 26.42 -31.36 -19.47
C VAL A 156 25.11 -31.28 -18.71
N VAL A 157 24.02 -30.93 -19.40
CA VAL A 157 22.76 -30.61 -18.76
C VAL A 157 21.71 -31.58 -19.24
N CYS A 158 20.92 -32.10 -18.29
CA CYS A 158 19.74 -32.92 -18.58
C CYS A 158 18.54 -32.24 -17.92
N PHE A 159 17.46 -32.03 -18.70
CA PHE A 159 16.19 -31.53 -18.18
C PHE A 159 15.17 -32.65 -18.10
N LEU A 160 14.48 -32.77 -16.97
CA LEU A 160 13.42 -33.75 -16.80
C LEU A 160 12.16 -32.98 -16.45
N ASN A 161 11.24 -32.88 -17.39
CA ASN A 161 10.20 -31.86 -17.31
C ASN A 161 8.81 -32.46 -17.19
N ASN A 162 7.97 -31.80 -16.38
CA ASN A 162 6.53 -32.05 -16.28
C ASN A 162 6.24 -33.51 -15.87
N PHE A 163 6.71 -33.90 -14.69
CA PHE A 163 6.45 -35.24 -14.19
C PHE A 163 5.76 -35.19 -12.83
N TYR A 164 5.19 -36.33 -12.46
CA TYR A 164 4.51 -36.49 -11.21
C TYR A 164 4.47 -37.98 -10.91
N PRO A 165 4.77 -38.43 -9.69
CA PRO A 165 5.15 -37.66 -8.49
C PRO A 165 6.57 -37.09 -8.55
N LYS A 166 6.93 -36.28 -7.55
CA LYS A 166 8.24 -35.62 -7.52
C LYS A 166 9.39 -36.63 -7.45
N ASP A 167 9.14 -37.83 -6.95
CA ASP A 167 10.21 -38.80 -6.75
C ASP A 167 10.74 -39.27 -8.09
N ILE A 168 12.05 -39.16 -8.28
CA ILE A 168 12.65 -39.53 -9.54
C ILE A 168 14.12 -39.82 -9.28
N ASN A 169 14.71 -40.69 -10.10
CA ASN A 169 16.12 -41.04 -9.98
C ASN A 169 16.78 -40.75 -11.32
N VAL A 170 17.90 -40.02 -11.29
CA VAL A 170 18.64 -39.61 -12.48
C VAL A 170 20.09 -40.06 -12.35
N LYS A 171 20.55 -40.87 -13.30
CA LYS A 171 21.94 -41.31 -13.26
C LYS A 171 22.64 -40.99 -14.57
N TRP A 172 23.93 -40.69 -14.45
CA TRP A 172 24.76 -40.28 -15.57
C TRP A 172 25.76 -41.37 -15.91
N LYS A 173 25.89 -41.67 -17.20
CA LYS A 173 26.86 -42.64 -17.68
C LYS A 173 27.76 -41.95 -18.71
N ILE A 174 29.06 -42.10 -18.54
CA ILE A 174 30.07 -41.61 -19.47
C ILE A 174 30.74 -42.82 -20.09
N ASP A 175 30.50 -43.02 -21.40
CA ASP A 175 31.08 -44.14 -22.16
C ASP A 175 30.55 -45.48 -21.67
N GLY A 176 29.30 -45.50 -21.20
CA GLY A 176 28.62 -46.71 -20.76
C GLY A 176 28.68 -46.97 -19.27
N SER A 177 29.62 -46.36 -18.55
CA SER A 177 29.79 -46.59 -17.13
C SER A 177 29.17 -45.45 -16.31
N GLU A 178 28.52 -45.82 -15.21
CA GLU A 178 27.90 -44.84 -14.32
C GLU A 178 28.93 -43.89 -13.73
N ARG A 179 28.45 -42.73 -13.30
CA ARG A 179 29.27 -41.67 -12.73
C ARG A 179 28.45 -40.96 -11.64
N GLN A 180 29.14 -40.36 -10.67
CA GLN A 180 28.46 -39.74 -9.54
C GLN A 180 29.04 -38.37 -9.17
N ASN A 181 30.37 -38.26 -9.18
CA ASN A 181 31.02 -37.04 -8.73
C ASN A 181 30.69 -35.87 -9.66
N GLY A 182 30.32 -34.73 -9.08
CA GLY A 182 30.12 -33.51 -9.84
C GLY A 182 28.73 -33.35 -10.44
N VAL A 183 27.75 -34.09 -9.96
CA VAL A 183 26.37 -33.97 -10.42
C VAL A 183 25.61 -33.05 -9.47
N LEU A 184 24.84 -32.12 -10.02
CA LEU A 184 24.05 -31.18 -9.24
C LEU A 184 22.63 -31.18 -9.74
N ASN A 185 21.66 -31.38 -8.85
CA ASN A 185 20.25 -31.45 -9.22
C ASN A 185 19.46 -30.28 -8.64
N SER A 186 18.47 -29.81 -9.40
CA SER A 186 17.64 -28.69 -8.99
C SER A 186 16.20 -28.98 -9.36
N TRP A 187 15.26 -28.71 -8.43
CA TRP A 187 13.84 -28.97 -8.63
C TRP A 187 13.04 -27.68 -8.69
N THR A 188 12.06 -27.61 -9.59
CA THR A 188 11.10 -26.52 -9.53
C THR A 188 10.10 -26.77 -8.42
N ASP A 189 9.32 -25.74 -8.09
CA ASP A 189 8.15 -25.92 -7.25
C ASP A 189 7.03 -26.53 -8.08
N GLN A 190 6.04 -27.10 -7.41
CA GLN A 190 4.91 -27.68 -8.13
C GLN A 190 4.25 -26.61 -8.98
N ASP A 191 4.14 -26.90 -10.27
CA ASP A 191 3.53 -25.96 -11.21
C ASP A 191 2.06 -25.77 -10.89
N SER A 192 1.65 -24.51 -10.75
CA SER A 192 0.29 -24.20 -10.29
C SER A 192 -0.75 -24.49 -11.36
N LYS A 193 -0.35 -24.59 -12.63
CA LYS A 193 -1.29 -24.87 -13.70
C LYS A 193 -1.57 -26.36 -13.84
N ASP A 194 -0.53 -27.21 -13.86
CA ASP A 194 -0.73 -28.62 -14.13
C ASP A 194 -0.28 -29.56 -13.02
N SER A 195 0.18 -29.04 -11.88
CA SER A 195 0.56 -29.81 -10.70
C SER A 195 1.75 -30.74 -10.91
N THR A 196 2.51 -30.57 -11.99
CA THR A 196 3.69 -31.41 -12.23
C THR A 196 4.95 -30.74 -11.67
N TYR A 197 6.04 -31.51 -11.66
CA TYR A 197 7.35 -31.05 -11.26
C TYR A 197 8.32 -31.14 -12.42
N SER A 198 9.40 -30.37 -12.34
CA SER A 198 10.48 -30.46 -13.29
C SER A 198 11.80 -30.42 -12.52
N MET A 199 12.85 -30.94 -13.14
CA MET A 199 14.14 -30.87 -12.48
C MET A 199 15.23 -30.76 -13.53
N SER A 200 16.32 -30.15 -13.13
CA SER A 200 17.52 -30.04 -13.94
C SER A 200 18.60 -30.88 -13.27
N SER A 201 19.38 -31.57 -14.07
CA SER A 201 20.50 -32.36 -13.58
C SER A 201 21.73 -31.96 -14.39
N THR A 202 22.75 -31.45 -13.72
CA THR A 202 23.92 -30.91 -14.39
C THR A 202 25.15 -31.69 -13.97
N LEU A 203 25.92 -32.15 -14.95
CA LEU A 203 27.15 -32.89 -14.75
C LEU A 203 28.29 -31.95 -15.08
N THR A 204 29.06 -31.55 -14.07
CA THR A 204 30.08 -30.55 -14.25
C THR A 204 31.45 -31.23 -14.41
N LEU A 205 32.21 -30.80 -15.40
CA LEU A 205 33.50 -31.40 -15.75
C LEU A 205 34.42 -30.31 -16.26
N THR A 206 35.73 -30.57 -16.21
CA THR A 206 36.65 -29.69 -16.91
C THR A 206 36.64 -30.04 -18.39
N LYS A 207 37.09 -29.09 -19.23
CA LYS A 207 37.16 -29.37 -20.66
C LYS A 207 38.00 -30.60 -20.95
N ASP A 208 39.18 -30.67 -20.34
CA ASP A 208 40.07 -31.83 -20.50
C ASP A 208 39.30 -33.13 -20.29
N GLU A 209 38.70 -33.29 -19.11
CA GLU A 209 37.89 -34.48 -18.83
C GLU A 209 36.84 -34.71 -19.91
N TYR A 210 36.14 -33.64 -20.29
CA TYR A 210 35.06 -33.78 -21.26
C TYR A 210 35.59 -34.25 -22.60
N GLU A 211 36.73 -33.71 -23.03
CA GLU A 211 37.28 -34.03 -24.34
C GLU A 211 37.77 -35.47 -24.42
N ARG A 212 38.35 -36.00 -23.33
CA ARG A 212 38.86 -37.37 -23.35
C ARG A 212 37.77 -38.43 -23.11
N HIS A 213 36.50 -38.10 -23.30
CA HIS A 213 35.43 -39.09 -23.31
C HIS A 213 34.48 -38.79 -24.46
N ASN A 214 33.64 -39.76 -24.80
CA ASN A 214 32.89 -39.68 -26.05
C ASN A 214 31.39 -39.74 -25.89
N SER A 215 30.85 -40.69 -25.15
CA SER A 215 29.40 -40.82 -25.03
C SER A 215 28.94 -40.33 -23.67
N TYR A 216 27.80 -39.65 -23.64
CA TYR A 216 27.25 -39.06 -22.44
C TYR A 216 25.76 -39.32 -22.41
N THR A 217 25.27 -39.83 -21.27
CA THR A 217 23.94 -40.39 -21.15
C THR A 217 23.33 -40.00 -19.81
N CYS A 218 22.08 -39.57 -19.82
CA CYS A 218 21.33 -39.34 -18.59
CA CYS A 218 21.29 -39.28 -18.62
C CYS A 218 20.13 -40.26 -18.59
N GLU A 219 19.97 -41.00 -17.51
CA GLU A 219 18.97 -42.06 -17.44
C GLU A 219 18.01 -41.77 -16.30
N ALA A 220 16.72 -41.64 -16.62
CA ALA A 220 15.67 -41.33 -15.67
C ALA A 220 14.88 -42.58 -15.32
N THR A 221 14.84 -42.92 -14.04
CA THR A 221 13.96 -43.97 -13.52
C THR A 221 12.85 -43.31 -12.73
N HIS A 222 11.61 -43.71 -13.01
CA HIS A 222 10.44 -43.02 -12.49
C HIS A 222 9.33 -44.06 -12.45
N LYS A 223 8.40 -43.90 -11.52
CA LYS A 223 7.46 -44.99 -11.31
C LYS A 223 6.52 -45.19 -12.47
N THR A 224 6.45 -44.23 -13.40
CA THR A 224 5.48 -44.27 -14.50
C THR A 224 5.84 -45.28 -15.58
N SER A 225 7.04 -45.83 -15.57
CA SER A 225 7.37 -46.83 -16.57
C SER A 225 8.28 -47.87 -15.96
N THR A 226 8.09 -49.13 -16.37
CA THR A 226 9.06 -50.14 -15.98
C THR A 226 10.40 -49.94 -16.71
N SER A 227 10.38 -49.37 -17.93
CA SER A 227 11.70 -49.15 -18.52
C SER A 227 12.14 -47.70 -18.34
N PRO A 228 13.43 -47.45 -18.12
CA PRO A 228 13.89 -46.08 -17.87
C PRO A 228 13.92 -45.26 -19.15
N ILE A 229 13.96 -43.94 -18.99
CA ILE A 229 14.11 -43.02 -20.11
C ILE A 229 15.58 -42.63 -20.23
N VAL A 230 16.16 -42.96 -21.38
CA VAL A 230 17.58 -42.80 -21.64
C VAL A 230 17.75 -41.83 -22.80
N LYS A 231 18.43 -40.71 -22.55
CA LYS A 231 18.80 -39.73 -23.56
C LYS A 231 20.32 -39.66 -23.62
N SER A 232 20.85 -39.62 -24.82
CA SER A 232 22.29 -39.62 -24.99
C SER A 232 22.70 -38.70 -26.12
N PHE A 233 23.99 -38.39 -26.15
CA PHE A 233 24.59 -37.75 -27.31
C PHE A 233 26.05 -38.18 -27.35
N ASN A 234 26.62 -38.20 -28.55
CA ASN A 234 28.04 -38.41 -28.74
C ASN A 234 28.72 -37.09 -29.06
N ARG A 235 29.87 -36.88 -28.48
CA ARG A 235 30.70 -35.71 -28.71
C ARG A 235 31.13 -35.55 -30.22
N ASN A 236 30.55 -36.35 -31.13
CA ASN A 236 30.74 -36.22 -32.57
C ASN A 236 29.37 -36.17 -33.27
N VAL B 20 -16.54 39.01 13.79
CA VAL B 20 -15.19 38.61 14.21
C VAL B 20 -14.62 37.49 13.35
N GLN B 21 -13.57 37.78 12.59
CA GLN B 21 -12.99 36.86 11.63
C GLN B 21 -11.47 36.84 11.76
N LEU B 22 -10.88 35.68 11.48
CA LEU B 22 -9.43 35.48 11.47
C LEU B 22 -9.06 34.87 10.13
N GLN B 23 -8.02 35.40 9.49
CA GLN B 23 -7.59 34.97 8.17
C GLN B 23 -6.11 34.65 8.24
N GLU B 24 -5.76 33.38 8.11
CA GLU B 24 -4.35 33.00 8.10
C GLU B 24 -3.80 33.13 6.69
N SER B 25 -2.58 33.65 6.59
CA SER B 25 -1.88 33.68 5.32
C SER B 25 -0.43 33.24 5.52
N GLY B 26 0.15 32.69 4.46
CA GLY B 26 1.52 32.30 4.50
C GLY B 26 1.88 31.55 3.24
N PRO B 27 3.15 31.21 3.08
CA PRO B 27 3.56 30.43 1.92
C PRO B 27 3.00 29.02 2.02
N GLY B 28 2.58 28.49 0.88
CA GLY B 28 2.03 27.14 0.87
C GLY B 28 3.07 26.06 0.77
N LEU B 29 4.29 26.40 0.33
CA LEU B 29 5.35 25.42 0.21
C LEU B 29 6.66 26.02 0.70
N VAL B 30 7.39 25.29 1.55
CA VAL B 30 8.68 25.72 2.06
C VAL B 30 9.64 24.55 1.97
N LYS B 31 10.90 24.84 1.72
CA LYS B 31 11.90 23.78 1.64
C LYS B 31 12.31 23.31 3.04
N PRO B 32 12.76 22.06 3.16
CA PRO B 32 13.25 21.59 4.46
C PRO B 32 14.40 22.45 4.97
N SER B 33 14.43 22.60 6.30
CA SER B 33 15.42 23.37 7.06
C SER B 33 15.30 24.89 6.84
N GLN B 34 14.39 25.34 5.99
CA GLN B 34 14.12 26.77 5.90
C GLN B 34 13.14 27.18 7.00
N THR B 35 12.68 28.43 6.95
CA THR B 35 11.81 29.02 7.95
C THR B 35 10.49 29.40 7.32
N VAL B 36 9.40 29.27 8.07
CA VAL B 36 8.09 29.72 7.63
C VAL B 36 7.63 30.85 8.55
N SER B 37 6.99 31.86 7.97
CA SER B 37 6.31 32.88 8.75
C SER B 37 4.87 32.95 8.28
N LEU B 38 3.93 32.77 9.21
CA LEU B 38 2.51 32.90 8.94
C LEU B 38 1.97 34.16 9.61
N THR B 39 0.89 34.68 9.06
CA THR B 39 0.22 35.84 9.60
C THR B 39 -1.25 35.51 9.81
N CYS B 40 -1.79 36.02 10.90
CA CYS B 40 -3.20 35.91 11.21
C CYS B 40 -3.73 37.34 11.30
N THR B 41 -4.62 37.72 10.38
CA THR B 41 -5.22 39.04 10.39
C THR B 41 -6.59 38.93 11.04
N VAL B 42 -6.77 39.65 12.13
CA VAL B 42 -7.99 39.63 12.93
C VAL B 42 -8.82 40.84 12.54
N THR B 43 -10.10 40.62 12.25
CA THR B 43 -11.02 41.72 11.97
C THR B 43 -12.20 41.63 12.92
N GLY B 44 -12.77 42.78 13.27
CA GLY B 44 -13.94 42.84 14.11
C GLY B 44 -13.67 42.91 15.60
N ILE B 45 -12.47 42.56 16.05
CA ILE B 45 -12.08 42.71 17.45
C ILE B 45 -10.60 43.02 17.50
N SER B 46 -10.20 43.84 18.47
CA SER B 46 -8.80 44.18 18.63
C SER B 46 -8.07 43.12 19.43
N ILE B 47 -6.86 42.79 19.02
CA ILE B 47 -6.06 41.78 19.70
C ILE B 47 -5.53 42.30 21.03
N THR B 48 -5.87 43.54 21.40
CA THR B 48 -5.45 44.09 22.68
C THR B 48 -6.59 44.26 23.69
N THR B 49 -7.81 43.82 23.37
CA THR B 49 -8.92 44.11 24.27
C THR B 49 -9.17 42.99 25.25
N GLY B 50 -10.04 43.29 26.22
CA GLY B 50 -10.57 42.32 27.14
C GLY B 50 -9.43 41.63 27.83
N ASN B 51 -9.62 40.35 28.11
CA ASN B 51 -8.58 39.50 28.64
C ASN B 51 -8.28 38.35 27.68
N TYR B 52 -8.62 38.54 26.40
CA TYR B 52 -8.59 37.48 25.39
C TYR B 52 -7.17 37.00 25.10
N ARG B 53 -7.06 35.72 24.76
CA ARG B 53 -5.84 35.12 24.27
C ARG B 53 -6.07 34.61 22.84
N TRP B 54 -4.99 34.61 22.07
CA TRP B 54 -4.96 34.25 20.67
C TRP B 54 -3.95 33.13 20.51
N SER B 55 -4.41 31.99 20.04
CA SER B 55 -3.61 30.78 19.96
C SER B 55 -3.35 30.36 18.52
N TRP B 56 -2.20 29.74 18.30
CA TRP B 56 -1.89 29.00 17.10
C TRP B 56 -2.05 27.51 17.38
N ILE B 57 -2.75 26.82 16.48
CA ILE B 57 -3.02 25.39 16.56
C ILE B 57 -2.78 24.82 15.16
N ARG B 58 -2.15 23.66 15.07
CA ARG B 58 -1.97 23.04 13.77
C ARG B 58 -2.61 21.67 13.75
N GLN B 59 -3.01 21.25 12.54
CA GLN B 59 -3.71 20.00 12.31
C GLN B 59 -2.94 19.27 11.22
N PHE B 60 -2.32 18.16 11.56
CA PHE B 60 -1.52 17.43 10.62
C PHE B 60 -2.39 16.67 9.63
N PRO B 61 -1.81 16.24 8.51
CA PRO B 61 -2.45 15.19 7.73
C PRO B 61 -2.71 13.97 8.61
N GLY B 62 -3.93 13.47 8.54
CA GLY B 62 -4.41 12.48 9.47
C GLY B 62 -5.23 13.05 10.60
N ASN B 63 -5.26 14.38 10.74
CA ASN B 63 -6.24 15.13 11.52
C ASN B 63 -5.88 15.30 12.99
N LYS B 64 -4.68 14.90 13.40
CA LYS B 64 -4.24 15.20 14.76
C LYS B 64 -4.01 16.69 14.93
N LEU B 65 -4.46 17.20 16.07
CA LEU B 65 -4.39 18.61 16.41
C LEU B 65 -3.38 18.81 17.52
N GLU B 66 -2.63 19.92 17.44
CA GLU B 66 -1.57 20.24 18.39
C GLU B 66 -1.57 21.72 18.70
N TRP B 67 -1.73 22.07 19.98
CA TRP B 67 -1.62 23.46 20.39
C TRP B 67 -0.16 23.92 20.34
N MET B 68 0.09 25.05 19.70
CA MET B 68 1.46 25.55 19.55
C MET B 68 1.84 26.65 20.55
N GLY B 69 0.92 27.55 20.86
CA GLY B 69 1.25 28.65 21.75
C GLY B 69 0.15 29.68 21.71
N TYR B 70 0.24 30.63 22.64
CA TYR B 70 -0.69 31.75 22.65
C TYR B 70 0.06 33.04 22.90
N ILE B 71 -0.56 34.14 22.48
CA ILE B 71 -0.16 35.49 22.88
C ILE B 71 -1.40 36.19 23.43
N SER B 72 -1.25 36.87 24.56
CA SER B 72 -2.41 37.44 25.21
C SER B 72 -2.63 38.89 24.75
N TYR B 73 -3.77 39.46 25.14
CA TYR B 73 -4.02 40.87 24.88
C TYR B 73 -2.90 41.75 25.41
N SER B 74 -2.22 41.31 26.46
CA SER B 74 -1.19 42.06 27.14
C SER B 74 0.20 41.73 26.65
N ASP B 75 0.31 40.90 25.61
CA ASP B 75 1.58 40.51 25.00
C ASP B 75 2.35 39.46 25.80
N THR B 76 1.67 38.78 26.73
CA THR B 76 2.22 37.60 27.39
C THR B 76 2.13 36.39 26.45
N ILE B 77 3.24 35.65 26.30
CA ILE B 77 3.33 34.55 25.34
C ILE B 77 3.73 33.28 26.07
N THR B 78 2.99 32.20 25.83
CA THR B 78 3.32 30.87 26.35
C THR B 78 3.37 29.90 25.18
N TYR B 79 4.43 29.09 25.12
CA TYR B 79 4.67 28.09 24.08
C TYR B 79 4.37 26.68 24.58
N ASN B 80 3.97 25.81 23.66
CA ASN B 80 3.96 24.39 23.96
C ASN B 80 5.40 23.96 24.25
N PRO B 81 5.68 23.33 25.40
CA PRO B 81 7.05 22.88 25.68
C PRO B 81 7.73 22.19 24.51
N SER B 82 7.00 21.40 23.73
CA SER B 82 7.62 20.64 22.65
C SER B 82 7.99 21.49 21.45
N LEU B 83 7.58 22.76 21.41
CA LEU B 83 7.82 23.64 20.27
C LEU B 83 8.57 24.91 20.63
N THR B 84 8.63 25.27 21.91
CA THR B 84 9.56 26.31 22.33
C THR B 84 10.96 25.94 21.84
N SER B 85 11.77 26.97 21.58
CA SER B 85 13.10 26.88 20.97
C SER B 85 13.01 26.85 19.45
N ARG B 86 11.89 26.38 18.88
CA ARG B 86 11.74 26.42 17.43
C ARG B 86 10.75 27.48 16.94
N THR B 87 9.89 28.01 17.80
CA THR B 87 8.80 28.86 17.36
C THR B 87 8.86 30.21 18.05
N THR B 88 8.34 31.23 17.36
CA THR B 88 8.23 32.58 17.93
C THR B 88 6.89 33.17 17.53
N ILE B 89 6.08 33.56 18.53
CA ILE B 89 4.85 34.31 18.28
C ILE B 89 5.10 35.79 18.57
N THR B 90 4.58 36.66 17.69
CA THR B 90 4.68 38.12 17.84
C THR B 90 3.37 38.71 17.35
N ARG B 91 3.25 40.03 17.48
CA ARG B 91 2.03 40.70 17.06
C ARG B 91 2.36 42.07 16.45
N ASP B 92 1.39 42.63 15.72
CA ASP B 92 1.44 44.02 15.22
C ASP B 92 0.11 44.69 15.55
N ILE B 93 0.10 45.52 16.60
CA ILE B 93 -1.15 46.09 17.11
C ILE B 93 -1.82 46.97 16.07
N SER B 94 -1.04 47.81 15.38
CA SER B 94 -1.63 48.71 14.40
C SER B 94 -2.44 47.94 13.36
N ARG B 95 -1.84 46.92 12.76
CA ARG B 95 -2.49 46.13 11.73
C ARG B 95 -3.41 45.05 12.29
N ASN B 96 -3.46 44.90 13.61
CA ASN B 96 -4.30 43.90 14.28
C ASN B 96 -3.97 42.49 13.76
N GLN B 97 -2.68 42.16 13.74
CA GLN B 97 -2.19 40.90 13.21
C GLN B 97 -1.37 40.17 14.26
N ILE B 98 -1.39 38.85 14.19
CA ILE B 98 -0.52 38.02 15.00
C ILE B 98 0.33 37.16 14.07
N PHE B 99 1.56 36.89 14.49
CA PHE B 99 2.54 36.25 13.64
C PHE B 99 3.05 34.98 14.30
N LEU B 100 3.37 33.98 13.47
CA LEU B 100 3.99 32.75 13.93
C LEU B 100 5.17 32.47 13.03
N GLU B 101 6.34 32.29 13.64
CA GLU B 101 7.56 31.96 12.91
C GLU B 101 8.08 30.64 13.46
N MET B 102 8.50 29.76 12.56
CA MET B 102 8.97 28.45 12.95
C MET B 102 10.16 28.13 12.06
N ASN B 103 11.28 27.76 12.66
CA ASN B 103 12.45 27.46 11.84
C ASN B 103 12.77 25.97 11.91
N SER B 104 13.79 25.58 11.16
CA SER B 104 14.28 24.21 11.12
C SER B 104 13.17 23.23 10.73
N LEU B 105 12.47 23.56 9.64
CA LEU B 105 11.31 22.78 9.24
C LEU B 105 11.72 21.46 8.61
N THR B 106 10.94 20.40 8.87
CA THR B 106 11.05 19.13 8.17
C THR B 106 9.66 18.68 7.72
N ALA B 107 9.63 17.53 7.03
CA ALA B 107 8.39 17.00 6.47
C ALA B 107 7.30 16.80 7.51
N GLU B 108 7.65 16.62 8.79
CA GLU B 108 6.59 16.40 9.77
C GLU B 108 5.94 17.70 10.26
N ASP B 109 6.38 18.85 9.76
CA ASP B 109 5.73 20.14 10.02
C ASP B 109 4.69 20.49 8.95
N THR B 110 4.56 19.67 7.92
CA THR B 110 3.44 19.75 7.00
C THR B 110 2.13 19.63 7.77
N ALA B 111 1.29 20.66 7.67
CA ALA B 111 0.06 20.75 8.45
C ALA B 111 -0.75 21.95 7.97
N THR B 112 -2.00 21.98 8.41
CA THR B 112 -2.84 23.17 8.30
C THR B 112 -2.71 23.96 9.59
N TYR B 113 -2.29 25.21 9.47
CA TYR B 113 -2.02 26.07 10.62
C TYR B 113 -3.21 27.01 10.82
N TYR B 114 -3.72 27.03 12.05
CA TYR B 114 -4.89 27.79 12.44
C TYR B 114 -4.51 28.77 13.53
N CYS B 115 -5.09 29.95 13.46
CA CYS B 115 -5.11 30.91 14.54
CA CYS B 115 -5.10 30.87 14.58
C CYS B 115 -6.53 30.91 15.12
N ALA B 116 -6.63 31.12 16.44
CA ALA B 116 -7.94 31.05 17.08
C ALA B 116 -7.99 32.03 18.24
N ARG B 117 -9.17 32.62 18.44
CA ARG B 117 -9.43 33.34 19.69
C ARG B 117 -9.86 32.31 20.74
N GLU B 118 -9.23 32.37 21.92
CA GLU B 118 -9.60 31.45 22.99
C GLU B 118 -10.92 31.86 23.62
N GLY B 119 -11.61 30.88 24.19
CA GLY B 119 -12.82 31.17 24.93
C GLY B 119 -12.51 32.05 26.13
N VAL B 120 -13.57 32.58 26.74
CA VAL B 120 -13.41 33.61 27.77
C VAL B 120 -12.58 33.09 28.94
N LEU B 121 -12.78 31.82 29.32
CA LEU B 121 -12.11 31.26 30.48
C LEU B 121 -10.72 30.71 30.16
N HIS B 122 -10.30 30.79 28.89
CA HIS B 122 -8.95 30.44 28.40
C HIS B 122 -8.74 28.94 28.22
N TRP B 123 -7.80 28.58 27.35
CA TRP B 123 -7.32 27.22 27.09
C TRP B 123 -8.34 26.34 26.37
N TYR B 124 -9.39 26.92 25.78
CA TYR B 124 -10.23 26.26 24.79
C TYR B 124 -10.52 27.29 23.70
N PHE B 125 -10.93 26.84 22.50
CA PHE B 125 -10.73 27.68 21.31
C PHE B 125 -12.05 27.96 20.61
N ALA B 126 -12.52 29.19 20.74
CA ALA B 126 -13.90 29.53 20.48
C ALA B 126 -14.17 30.01 19.06
N VAL B 127 -13.23 30.74 18.47
CA VAL B 127 -13.36 31.22 17.10
C VAL B 127 -12.09 30.89 16.35
N TRP B 128 -12.20 30.17 15.24
CA TRP B 128 -11.05 29.72 14.46
C TRP B 128 -10.99 30.44 13.12
N GLY B 129 -9.79 30.58 12.58
CA GLY B 129 -9.64 31.00 11.21
C GLY B 129 -9.92 29.87 10.22
N ALA B 130 -9.91 30.21 8.94
CA ALA B 130 -10.09 29.23 7.89
C ALA B 130 -8.88 28.31 7.75
N GLY B 131 -7.72 28.73 8.22
CA GLY B 131 -6.52 27.91 8.21
C GLY B 131 -5.71 28.07 6.94
N THR B 132 -4.40 27.89 7.08
CA THR B 132 -3.52 27.91 5.92
C THR B 132 -2.67 26.65 5.92
N THR B 133 -2.60 25.99 4.77
CA THR B 133 -1.85 24.75 4.65
C THR B 133 -0.41 25.06 4.29
N VAL B 134 0.52 24.36 4.93
CA VAL B 134 1.93 24.52 4.66
C VAL B 134 2.53 23.16 4.43
N THR B 135 3.18 22.97 3.29
CA THR B 135 3.85 21.73 2.94
C THR B 135 5.34 21.97 3.01
N VAL B 136 6.07 21.05 3.63
CA VAL B 136 7.53 21.12 3.70
C VAL B 136 8.09 20.10 2.74
N SER B 137 8.69 20.55 1.65
CA SER B 137 9.17 19.61 0.64
C SER B 137 10.23 20.26 -0.22
N SER B 138 11.03 19.43 -0.88
CA SER B 138 12.01 19.93 -1.83
C SER B 138 11.51 19.91 -3.27
N ALA B 139 10.43 19.19 -3.55
CA ALA B 139 9.82 19.23 -4.88
C ALA B 139 9.39 20.66 -5.22
N LYS B 140 9.21 20.90 -6.51
CA LYS B 140 8.84 22.23 -6.99
C LYS B 140 7.32 22.41 -7.00
N THR B 141 6.90 23.65 -6.76
CA THR B 141 5.51 24.04 -6.99
C THR B 141 5.14 23.91 -8.46
N THR B 142 3.98 23.32 -8.73
CA THR B 142 3.53 23.10 -10.10
C THR B 142 2.03 23.40 -10.15
N PRO B 143 1.58 24.32 -11.02
CA PRO B 143 0.16 24.65 -11.07
C PRO B 143 -0.61 23.54 -11.78
N PRO B 144 -1.92 23.45 -11.58
CA PRO B 144 -2.67 22.38 -12.21
C PRO B 144 -3.03 22.68 -13.65
N SER B 145 -3.07 21.62 -14.44
CA SER B 145 -3.81 21.64 -15.70
C SER B 145 -5.25 21.23 -15.40
N VAL B 146 -6.19 21.97 -15.98
CA VAL B 146 -7.61 21.80 -15.70
C VAL B 146 -8.28 21.35 -16.99
N TYR B 147 -8.84 20.13 -16.98
CA TYR B 147 -9.44 19.64 -18.21
C TYR B 147 -10.94 19.51 -18.07
N PRO B 148 -11.70 19.92 -19.08
CA PRO B 148 -13.17 19.84 -19.00
C PRO B 148 -13.66 18.42 -19.20
N LEU B 149 -14.72 18.07 -18.49
CA LEU B 149 -15.41 16.79 -18.61
C LEU B 149 -16.86 17.08 -18.99
N ALA B 150 -17.16 17.02 -20.28
CA ALA B 150 -18.52 17.23 -20.76
C ALA B 150 -19.08 15.94 -21.36
N PRO B 151 -20.41 15.71 -21.28
CA PRO B 151 -21.01 14.44 -21.72
C PRO B 151 -20.81 14.14 -23.21
N SER B 160 -31.12 15.07 -15.88
CA SER B 160 -29.97 15.83 -15.38
C SER B 160 -28.72 15.53 -16.18
N VAL B 161 -27.82 16.50 -16.25
CA VAL B 161 -26.52 16.33 -16.89
C VAL B 161 -25.44 16.61 -15.87
N THR B 162 -24.48 15.68 -15.75
CA THR B 162 -23.34 15.85 -14.86
C THR B 162 -22.14 16.29 -15.69
N LEU B 163 -21.50 17.37 -15.27
CA LEU B 163 -20.26 17.84 -15.86
C LEU B 163 -19.18 17.78 -14.79
N GLY B 164 -17.92 17.87 -15.25
CA GLY B 164 -16.87 17.94 -14.26
C GLY B 164 -15.66 18.68 -14.79
N CYS B 165 -14.65 18.79 -13.94
N CYS B 165 -14.64 18.72 -13.94
CA CYS B 165 -13.33 19.08 -14.49
CA CYS B 165 -13.32 19.15 -14.32
C CYS B 165 -12.28 18.30 -13.72
C CYS B 165 -12.31 18.19 -13.70
N LEU B 166 -11.29 17.85 -14.47
CA LEU B 166 -10.21 17.02 -13.99
C LEU B 166 -9.02 17.96 -13.76
N VAL B 167 -8.52 17.98 -12.53
CA VAL B 167 -7.47 18.90 -12.12
C VAL B 167 -6.25 18.04 -11.86
N LYS B 168 -5.22 18.16 -12.71
CA LYS B 168 -4.16 17.19 -12.76
C LYS B 168 -2.78 17.85 -12.79
N GLY B 169 -1.81 17.20 -12.16
CA GLY B 169 -0.42 17.57 -12.33
C GLY B 169 0.08 18.66 -11.40
N TYR B 170 -0.52 18.83 -10.23
CA TYR B 170 -0.16 19.97 -9.40
C TYR B 170 0.50 19.54 -8.09
N PHE B 171 1.14 20.52 -7.47
CA PHE B 171 1.84 20.29 -6.22
C PHE B 171 2.20 21.64 -5.63
N PRO B 172 2.07 21.86 -4.31
CA PRO B 172 1.55 20.90 -3.33
C PRO B 172 0.04 20.93 -3.27
N GLU B 173 -0.51 20.38 -2.19
CA GLU B 173 -1.95 20.22 -2.11
C GLU B 173 -2.71 21.52 -1.91
N SER B 174 -3.88 21.35 -1.32
CA SER B 174 -5.16 21.60 -1.94
C SER B 174 -5.27 22.68 -3.02
N VAL B 175 -6.31 22.45 -3.80
CA VAL B 175 -6.91 23.38 -4.73
C VAL B 175 -8.34 23.58 -4.24
N THR B 176 -9.01 24.57 -4.82
CA THR B 176 -10.42 24.79 -4.55
C THR B 176 -11.14 24.99 -5.87
N VAL B 177 -12.19 24.20 -6.10
CA VAL B 177 -12.95 24.26 -7.35
C VAL B 177 -14.26 24.97 -7.07
N THR B 178 -14.53 26.04 -7.82
CA THR B 178 -15.75 26.82 -7.67
C THR B 178 -16.46 26.84 -9.01
N TRP B 179 -17.73 26.43 -9.00
CA TRP B 179 -18.55 26.39 -10.20
C TRP B 179 -19.39 27.66 -10.28
N ASN B 180 -19.42 28.28 -11.46
CA ASN B 180 -19.74 29.72 -11.63
C ASN B 180 -20.42 30.43 -10.45
N SER B 187 -25.26 20.90 -5.52
CA SER B 187 -25.18 19.93 -6.61
C SER B 187 -23.73 19.65 -7.05
N VAL B 188 -22.79 19.88 -6.13
CA VAL B 188 -21.37 19.78 -6.44
C VAL B 188 -20.74 18.73 -5.53
N HIS B 189 -19.83 17.96 -6.09
CA HIS B 189 -19.05 16.99 -5.35
C HIS B 189 -17.58 17.30 -5.60
N THR B 190 -16.78 17.35 -4.53
CA THR B 190 -15.35 17.57 -4.62
C THR B 190 -14.64 16.33 -4.13
N PHE B 191 -13.82 15.75 -4.98
CA PHE B 191 -13.20 14.48 -4.64
C PHE B 191 -11.78 14.70 -4.16
N PRO B 192 -11.41 14.12 -3.03
CA PRO B 192 -10.08 14.36 -2.48
C PRO B 192 -8.98 13.99 -3.45
N ALA B 193 -7.88 14.74 -3.37
CA ALA B 193 -6.74 14.54 -4.25
C ALA B 193 -6.00 13.23 -3.92
N LEU B 194 -5.36 12.68 -4.96
CA LEU B 194 -4.48 11.53 -4.77
C LEU B 194 -3.18 11.79 -5.51
N LEU B 195 -2.08 11.33 -4.93
CA LEU B 195 -0.76 11.51 -5.52
C LEU B 195 -0.49 10.39 -6.51
N GLN B 196 -0.02 10.75 -7.70
CA GLN B 196 0.43 9.77 -8.69
C GLN B 196 1.64 10.32 -9.39
N SER B 197 2.71 9.53 -9.44
CA SER B 197 3.99 9.96 -10.02
C SER B 197 4.41 11.35 -9.50
N GLY B 198 4.35 11.53 -8.20
CA GLY B 198 4.84 12.77 -7.60
C GLY B 198 3.93 13.97 -7.69
N LEU B 199 2.79 13.88 -8.39
CA LEU B 199 1.89 15.02 -8.59
C LEU B 199 0.47 14.62 -8.24
N TYR B 200 -0.31 15.59 -7.78
CA TYR B 200 -1.68 15.35 -7.32
C TYR B 200 -2.69 15.45 -8.46
N THR B 201 -3.77 14.68 -8.33
CA THR B 201 -4.91 14.71 -9.23
C THR B 201 -6.17 14.74 -8.38
N MET B 202 -7.09 15.63 -8.73
CA MET B 202 -8.42 15.58 -8.14
C MET B 202 -9.43 15.89 -9.23
N SER B 203 -10.70 15.79 -8.89
CA SER B 203 -11.73 16.16 -9.85
C SER B 203 -12.90 16.69 -9.07
N SER B 204 -13.80 17.34 -9.78
CA SER B 204 -14.98 17.93 -9.17
C SER B 204 -16.12 17.73 -10.15
N SER B 205 -17.32 17.47 -9.63
CA SER B 205 -18.47 17.27 -10.49
C SER B 205 -19.60 18.21 -10.06
N VAL B 206 -20.41 18.58 -11.04
CA VAL B 206 -21.58 19.42 -10.84
C VAL B 206 -22.72 18.79 -11.63
N THR B 207 -23.92 18.79 -11.03
CA THR B 207 -25.12 18.28 -11.70
C THR B 207 -26.08 19.44 -11.90
N VAL B 208 -26.51 19.63 -13.14
CA VAL B 208 -27.36 20.76 -13.49
C VAL B 208 -28.53 20.24 -14.31
N PRO B 209 -29.72 20.85 -14.21
CA PRO B 209 -30.85 20.42 -15.05
C PRO B 209 -30.51 20.49 -16.53
N SER B 210 -30.94 19.47 -17.27
CA SER B 210 -30.51 19.29 -18.66
C SER B 210 -31.02 20.40 -19.58
N SER B 211 -32.02 21.16 -19.15
CA SER B 211 -32.44 22.33 -19.92
C SER B 211 -31.37 23.41 -19.87
N THR B 212 -30.89 23.73 -18.66
CA THR B 212 -30.01 24.88 -18.43
C THR B 212 -28.64 24.75 -19.08
N TRP B 213 -28.29 23.58 -19.63
CA TRP B 213 -26.99 23.41 -20.26
C TRP B 213 -27.13 22.58 -21.53
N PRO B 214 -26.50 22.98 -22.64
CA PRO B 214 -25.55 24.09 -22.78
C PRO B 214 -26.14 25.46 -23.14
N SER B 215 -27.46 25.65 -22.96
CA SER B 215 -28.07 26.94 -23.28
C SER B 215 -27.41 28.07 -22.49
N GLN B 216 -27.06 27.81 -21.23
CA GLN B 216 -26.40 28.79 -20.39
C GLN B 216 -25.04 28.28 -19.94
N THR B 217 -24.14 29.22 -19.69
CA THR B 217 -22.73 28.90 -19.47
C THR B 217 -22.51 28.18 -18.15
N VAL B 218 -21.55 27.25 -18.14
CA VAL B 218 -21.08 26.58 -16.93
C VAL B 218 -19.56 26.62 -16.94
N THR B 219 -18.97 27.17 -15.88
CA THR B 219 -17.54 27.35 -15.76
C THR B 219 -17.06 26.82 -14.42
N CYS B 220 -15.93 26.10 -14.42
CA CYS B 220 -15.29 25.67 -13.20
C CYS B 220 -14.04 26.53 -12.98
N SER B 221 -13.90 27.08 -11.79
CA SER B 221 -12.80 27.98 -11.46
C SER B 221 -11.91 27.28 -10.44
N VAL B 222 -10.67 27.01 -10.82
CA VAL B 222 -9.76 26.19 -10.04
C VAL B 222 -8.65 27.07 -9.48
N ALA B 223 -8.60 27.21 -8.16
CA ALA B 223 -7.63 28.03 -7.44
C ALA B 223 -6.59 27.15 -6.74
N HIS B 224 -5.32 27.46 -6.97
CA HIS B 224 -4.19 26.78 -6.35
C HIS B 224 -3.39 27.82 -5.56
N PRO B 225 -3.67 28.00 -4.27
CA PRO B 225 -3.03 29.09 -3.51
C PRO B 225 -1.51 29.01 -3.48
N ALA B 226 -0.92 27.81 -3.48
CA ALA B 226 0.54 27.71 -3.38
C ALA B 226 1.24 28.26 -4.61
N SER B 227 0.60 28.25 -5.79
CA SER B 227 1.19 28.89 -6.96
C SER B 227 0.48 30.18 -7.32
N SER B 228 -0.39 30.69 -6.44
CA SER B 228 -1.11 31.95 -6.68
C SER B 228 -1.82 31.94 -8.02
N THR B 229 -2.34 30.78 -8.42
CA THR B 229 -2.86 30.58 -9.77
C THR B 229 -4.33 30.20 -9.73
N THR B 230 -5.09 30.74 -10.70
CA THR B 230 -6.50 30.43 -10.88
C THR B 230 -6.72 30.11 -12.35
N VAL B 231 -7.42 28.99 -12.64
CA VAL B 231 -7.69 28.54 -14.00
C VAL B 231 -9.20 28.39 -14.17
N ASP B 232 -9.75 28.98 -15.25
CA ASP B 232 -11.18 29.01 -15.52
C ASP B 232 -11.48 28.31 -16.83
N LYS B 233 -12.04 27.10 -16.76
CA LYS B 233 -12.38 26.32 -17.94
C LYS B 233 -13.87 26.40 -18.21
N LYS B 234 -14.21 26.74 -19.45
CA LYS B 234 -15.60 26.82 -19.88
C LYS B 234 -16.01 25.46 -20.45
N LEU B 235 -17.08 24.88 -19.90
CA LEU B 235 -17.51 23.55 -20.31
C LEU B 235 -18.27 23.63 -21.63
N GLU B 236 -17.79 22.91 -22.63
CA GLU B 236 -18.36 22.95 -23.97
C GLU B 236 -18.84 21.57 -24.40
N PRO B 237 -20.00 21.47 -25.07
CA PRO B 237 -20.52 20.21 -25.60
C PRO B 237 -19.87 19.83 -26.93
N ASP C 21 2.76 14.96 30.05
CA ASP C 21 1.56 15.50 29.39
C ASP C 21 0.44 14.47 29.44
N ILE C 22 -0.77 14.94 29.37
CA ILE C 22 -1.93 14.07 29.50
C ILE C 22 -2.35 13.65 28.11
N VAL C 23 -2.63 12.37 27.92
CA VAL C 23 -3.07 11.82 26.63
C VAL C 23 -4.56 11.54 26.69
N LEU C 24 -5.28 11.93 25.65
CA LEU C 24 -6.71 11.65 25.53
C LEU C 24 -6.93 10.58 24.47
N THR C 25 -7.71 9.56 24.81
CA THR C 25 -8.06 8.49 23.90
C THR C 25 -9.56 8.52 23.67
N GLN C 26 -9.97 8.65 22.42
CA GLN C 26 -11.39 8.64 22.09
C GLN C 26 -11.78 7.27 21.57
N SER C 27 -13.02 6.90 21.86
CA SER C 27 -13.56 5.62 21.44
C SER C 27 -15.05 5.78 21.14
N PRO C 28 -15.55 5.09 20.11
CA PRO C 28 -14.70 4.34 19.19
C PRO C 28 -14.10 5.30 18.14
N ALA C 29 -13.20 4.83 17.29
CA ALA C 29 -12.65 5.71 16.26
C ALA C 29 -13.67 6.05 15.19
N SER C 30 -14.70 5.23 15.03
CA SER C 30 -15.71 5.36 13.98
C SER C 30 -17.03 4.94 14.57
N LEU C 31 -18.06 5.73 14.33
CA LEU C 31 -19.39 5.47 14.88
C LEU C 31 -20.39 5.63 13.76
N VAL C 32 -21.33 4.68 13.66
CA VAL C 32 -22.41 4.74 12.68
C VAL C 32 -23.71 4.79 13.45
N VAL C 33 -24.61 5.70 13.06
CA VAL C 33 -25.81 5.98 13.82
C VAL C 33 -26.99 6.20 12.87
N SER C 34 -28.18 5.83 13.32
CA SER C 34 -29.41 6.04 12.55
C SER C 34 -29.96 7.43 12.81
N LEU C 35 -30.60 7.99 11.79
CA LEU C 35 -31.20 9.31 11.91
C LEU C 35 -32.23 9.36 13.04
N GLY C 36 -32.16 10.43 13.84
CA GLY C 36 -33.09 10.63 14.93
C GLY C 36 -32.74 9.89 16.22
N GLN C 37 -31.72 9.06 16.21
CA GLN C 37 -31.36 8.30 17.40
C GLN C 37 -30.38 9.09 18.26
N ARG C 38 -29.78 8.43 19.25
CA ARG C 38 -28.82 9.07 20.13
C ARG C 38 -27.43 8.50 19.85
N ALA C 39 -26.46 9.39 19.64
CA ALA C 39 -25.07 9.00 19.43
C ALA C 39 -24.24 9.36 20.64
N THR C 40 -23.38 8.44 21.05
CA THR C 40 -22.55 8.60 22.24
C THR C 40 -21.08 8.42 21.89
N ILE C 41 -20.28 9.42 22.23
CA ILE C 41 -18.86 9.49 21.94
C ILE C 41 -18.12 9.61 23.27
N SER C 42 -17.03 8.87 23.42
CA SER C 42 -16.33 8.72 24.68
C SER C 42 -14.93 9.28 24.56
N CYS C 43 -14.45 9.90 25.64
CA CYS C 43 -13.10 10.42 25.74
C CYS C 43 -12.55 10.00 27.10
N ARG C 44 -11.45 9.26 27.08
CA ARG C 44 -10.81 8.79 28.31
C ARG C 44 -9.42 9.39 28.41
N ALA C 45 -9.15 10.03 29.54
CA ALA C 45 -7.86 10.68 29.77
C ALA C 45 -6.93 9.75 30.54
N SER C 46 -5.63 10.00 30.41
CA SER C 46 -4.65 9.14 31.05
C SER C 46 -4.55 9.38 32.56
N GLN C 47 -5.09 10.48 33.04
CA GLN C 47 -5.20 10.80 34.46
C GLN C 47 -6.34 11.79 34.57
N THR C 48 -6.66 12.21 35.79
CA THR C 48 -7.82 13.07 35.93
C THR C 48 -7.58 14.43 35.27
N VAL C 49 -8.66 14.98 34.71
CA VAL C 49 -8.64 16.33 34.16
C VAL C 49 -9.71 17.14 34.87
N SER C 50 -10.04 16.71 36.08
CA SER C 50 -10.98 17.37 36.99
C SER C 50 -10.27 17.90 38.22
N THR C 51 -10.84 18.96 38.78
CA THR C 51 -10.55 19.46 40.11
C THR C 51 -11.83 19.36 40.95
N SER C 52 -11.75 19.82 42.20
CA SER C 52 -12.95 19.85 43.04
C SER C 52 -14.01 20.79 42.47
N SER C 53 -13.65 21.77 41.66
CA SER C 53 -14.64 22.72 41.16
C SER C 53 -14.99 22.55 39.68
N TYR C 54 -14.03 22.27 38.80
CA TYR C 54 -14.33 22.17 37.37
C TYR C 54 -13.73 20.91 36.77
N SER C 55 -14.31 20.52 35.64
CA SER C 55 -13.76 19.49 34.75
C SER C 55 -13.32 20.17 33.47
N TYR C 56 -12.02 20.07 33.17
CA TYR C 56 -11.41 20.85 32.09
C TYR C 56 -11.39 20.03 30.80
N MET C 57 -12.60 19.73 30.31
CA MET C 57 -12.81 18.91 29.12
C MET C 57 -13.69 19.67 28.15
N HIS C 58 -13.29 19.72 26.88
CA HIS C 58 -13.99 20.50 25.87
C HIS C 58 -14.15 19.65 24.62
N TRP C 59 -15.19 19.95 23.83
CA TRP C 59 -15.56 19.13 22.67
C TRP C 59 -15.71 20.00 21.44
N TYR C 60 -15.24 19.48 20.29
CA TYR C 60 -15.30 20.18 19.01
C TYR C 60 -15.89 19.28 17.93
N GLN C 61 -16.50 19.92 16.93
CA GLN C 61 -17.04 19.28 15.73
C GLN C 61 -16.26 19.78 14.52
N GLN C 62 -15.83 18.88 13.65
CA GLN C 62 -15.15 19.34 12.45
C GLN C 62 -15.77 18.67 11.23
N LYS C 63 -16.39 19.44 10.42
CA LYS C 63 -16.92 19.10 9.11
C LYS C 63 -15.83 19.27 8.06
N PRO C 64 -15.84 18.46 6.99
CA PRO C 64 -14.72 18.46 6.04
C PRO C 64 -14.47 19.82 5.42
N GLY C 65 -13.19 20.14 5.23
CA GLY C 65 -12.79 21.45 4.73
C GLY C 65 -13.07 22.63 5.64
N GLN C 66 -13.47 22.41 6.88
CA GLN C 66 -13.77 23.49 7.80
C GLN C 66 -12.90 23.38 9.05
N PRO C 67 -12.65 24.49 9.74
CA PRO C 67 -11.96 24.41 11.02
C PRO C 67 -12.85 23.77 12.07
N PRO C 68 -12.26 23.24 13.14
CA PRO C 68 -13.10 22.72 14.22
C PRO C 68 -14.01 23.80 14.77
N LYS C 69 -15.14 23.36 15.32
CA LYS C 69 -16.12 24.25 15.91
C LYS C 69 -16.37 23.84 17.36
N LEU C 70 -16.26 24.80 18.27
CA LEU C 70 -16.46 24.51 19.70
C LEU C 70 -17.92 24.21 20.00
N LEU C 71 -18.16 23.08 20.64
CA LEU C 71 -19.50 22.66 21.07
C LEU C 71 -19.72 22.86 22.57
N ILE C 72 -18.85 22.27 23.38
CA ILE C 72 -19.00 22.12 24.83
C ILE C 72 -17.69 22.57 25.45
N TYR C 73 -17.77 23.36 26.52
CA TYR C 73 -16.56 23.71 27.26
C TYR C 73 -16.82 23.42 28.73
N TYR C 74 -15.73 23.11 29.46
CA TYR C 74 -15.81 22.77 30.87
C TYR C 74 -16.75 21.58 31.10
N ALA C 75 -16.65 20.60 30.20
CA ALA C 75 -17.27 19.28 30.27
C ALA C 75 -18.77 19.30 29.98
N SER C 76 -19.49 20.33 30.41
CA SER C 76 -20.95 20.25 30.31
C SER C 76 -21.61 21.56 29.93
N ASN C 77 -20.87 22.58 29.51
CA ASN C 77 -21.43 23.89 29.21
C ASN C 77 -21.57 24.07 27.71
N LEU C 78 -22.80 24.32 27.28
CA LEU C 78 -23.07 24.53 25.86
C LEU C 78 -22.56 25.88 25.42
N GLU C 79 -21.87 25.91 24.29
CA GLU C 79 -21.41 27.18 23.75
C GLU C 79 -22.58 27.92 23.10
N SER C 80 -22.50 29.25 23.13
CA SER C 80 -23.54 30.09 22.54
C SER C 80 -23.66 29.85 21.04
N GLY C 81 -24.89 29.64 20.57
CA GLY C 81 -25.14 29.38 19.17
C GLY C 81 -24.97 27.94 18.76
N VAL C 82 -25.02 27.00 19.70
CA VAL C 82 -24.87 25.58 19.44
C VAL C 82 -26.14 24.90 19.92
N PRO C 83 -26.82 24.11 19.09
CA PRO C 83 -28.09 23.52 19.49
C PRO C 83 -27.94 22.61 20.71
N ALA C 84 -28.98 22.59 21.54
CA ALA C 84 -28.98 21.80 22.76
C ALA C 84 -29.07 20.29 22.50
N ARG C 85 -29.04 19.85 21.24
CA ARG C 85 -28.96 18.43 20.94
C ARG C 85 -27.62 17.84 21.38
N PHE C 86 -26.60 18.67 21.52
CA PHE C 86 -25.29 18.27 22.02
C PHE C 86 -25.28 18.42 23.52
N THR C 87 -24.87 17.37 24.23
CA THR C 87 -24.76 17.38 25.67
C THR C 87 -23.44 16.76 26.09
N GLY C 88 -22.70 17.42 26.98
CA GLY C 88 -21.46 16.88 27.56
C GLY C 88 -21.67 16.47 29.00
N SER C 89 -21.03 15.38 29.41
CA SER C 89 -21.07 14.93 30.79
C SER C 89 -19.76 14.23 31.13
N GLY C 90 -19.60 13.90 32.41
CA GLY C 90 -18.50 13.05 32.86
C GLY C 90 -17.65 13.73 33.92
N SER C 91 -16.65 12.98 34.39
CA SER C 91 -15.83 13.43 35.52
C SER C 91 -14.54 12.62 35.53
N GLY C 92 -13.52 13.24 36.14
CA GLY C 92 -12.24 12.59 36.34
C GLY C 92 -11.53 12.22 35.05
N THR C 93 -11.63 10.95 34.69
CA THR C 93 -10.92 10.35 33.57
C THR C 93 -11.85 9.97 32.40
N ASP C 94 -13.17 10.10 32.58
CA ASP C 94 -14.16 9.50 31.68
C ASP C 94 -15.21 10.54 31.32
N PHE C 95 -15.23 10.96 30.04
CA PHE C 95 -16.17 11.97 29.60
C PHE C 95 -16.92 11.49 28.37
N THR C 96 -18.11 12.05 28.19
CA THR C 96 -18.99 11.62 27.11
C THR C 96 -19.58 12.84 26.41
N LEU C 97 -19.74 12.76 25.11
CA LEU C 97 -20.53 13.71 24.36
C LEU C 97 -21.73 12.97 23.78
N ASN C 98 -22.92 13.49 24.03
CA ASN C 98 -24.15 12.85 23.54
C ASN C 98 -24.82 13.78 22.56
N ILE C 99 -25.32 13.21 21.46
CA ILE C 99 -26.09 13.93 20.46
C ILE C 99 -27.46 13.27 20.43
N HIS C 100 -28.49 14.03 20.69
CA HIS C 100 -29.83 13.47 20.58
C HIS C 100 -30.85 14.58 20.37
N PRO C 101 -31.69 14.46 19.32
CA PRO C 101 -31.59 13.40 18.32
C PRO C 101 -30.50 13.70 17.29
N VAL C 102 -29.86 12.71 16.68
CA VAL C 102 -28.84 13.01 15.68
C VAL C 102 -29.52 13.43 14.39
N GLU C 103 -28.98 14.46 13.77
CA GLU C 103 -29.51 14.97 12.50
C GLU C 103 -28.52 14.66 11.38
N GLU C 104 -29.03 14.75 10.15
CA GLU C 104 -28.20 14.48 8.98
C GLU C 104 -26.95 15.36 8.98
N GLU C 105 -27.09 16.61 9.40
CA GLU C 105 -26.00 17.58 9.39
C GLU C 105 -24.92 17.27 10.43
N ASP C 106 -25.10 16.24 11.27
CA ASP C 106 -24.16 15.96 12.34
C ASP C 106 -23.02 15.04 11.90
N THR C 107 -23.07 14.52 10.68
CA THR C 107 -21.94 13.75 10.17
C THR C 107 -20.70 14.64 10.18
N ALA C 108 -19.66 14.18 10.88
CA ALA C 108 -18.51 15.03 11.17
C ALA C 108 -17.54 14.21 12.01
N THR C 109 -16.37 14.79 12.27
CA THR C 109 -15.41 14.22 13.21
C THR C 109 -15.48 15.05 14.47
N TYR C 110 -15.56 14.40 15.63
CA TYR C 110 -15.64 15.06 16.92
C TYR C 110 -14.37 14.83 17.72
N TYR C 111 -13.87 15.90 18.35
CA TYR C 111 -12.63 15.86 19.11
C TYR C 111 -12.91 16.29 20.55
N CYS C 112 -12.28 15.62 21.51
CA CYS C 112 -12.20 16.16 22.86
C CYS C 112 -10.85 16.82 23.05
N GLN C 113 -10.78 17.70 24.06
CA GLN C 113 -9.57 18.44 24.37
C GLN C 113 -9.57 18.79 25.86
N HIS C 114 -8.42 18.67 26.51
CA HIS C 114 -8.36 19.02 27.93
C HIS C 114 -7.57 20.30 28.14
N SER C 115 -7.82 20.95 29.28
CA SER C 115 -7.01 22.08 29.70
C SER C 115 -6.67 22.01 31.19
N TRP C 116 -6.45 20.80 31.71
CA TRP C 116 -6.17 20.66 33.14
C TRP C 116 -4.76 21.14 33.48
N ASP C 117 -3.83 21.03 32.53
CA ASP C 117 -2.51 21.64 32.71
C ASP C 117 -1.92 21.91 31.33
N ILE C 118 -0.74 22.52 31.31
CA ILE C 118 -0.07 22.84 30.05
C ILE C 118 0.75 21.65 29.56
N PRO C 119 0.66 21.27 28.29
CA PRO C 119 -0.17 21.88 27.25
C PRO C 119 -1.57 21.27 27.19
N PRO C 120 -2.54 22.04 26.71
CA PRO C 120 -3.80 21.42 26.29
C PRO C 120 -3.49 20.41 25.18
N THR C 121 -4.14 19.26 25.23
CA THR C 121 -3.98 18.26 24.20
C THR C 121 -5.35 17.79 23.76
N PHE C 122 -5.42 17.30 22.52
CA PHE C 122 -6.65 16.85 21.87
C PHE C 122 -6.66 15.33 21.73
N GLY C 123 -7.88 14.76 21.73
CA GLY C 123 -8.05 13.38 21.30
C GLY C 123 -7.85 13.28 19.80
N ALA C 124 -7.71 12.04 19.30
CA ALA C 124 -7.45 11.87 17.88
C ALA C 124 -8.71 11.93 17.02
N GLY C 125 -9.88 12.06 17.62
CA GLY C 125 -11.07 12.26 16.81
C GLY C 125 -11.93 11.00 16.69
N THR C 126 -13.24 11.20 16.61
CA THR C 126 -14.19 10.12 16.33
C THR C 126 -15.06 10.53 15.14
N LYS C 127 -15.04 9.73 14.09
CA LYS C 127 -15.81 10.04 12.89
C LYS C 127 -17.24 9.53 13.08
N LEU C 128 -18.21 10.42 12.97
CA LEU C 128 -19.61 10.06 13.11
C LEU C 128 -20.25 10.05 11.72
N GLU C 129 -20.89 8.94 11.37
CA GLU C 129 -21.50 8.79 10.05
C GLU C 129 -22.92 8.29 10.21
N LEU C 130 -23.79 8.73 9.32
CA LEU C 130 -25.21 8.38 9.41
C LEU C 130 -25.48 7.11 8.60
N ARG C 131 -26.36 6.27 9.12
CA ARG C 131 -26.92 5.17 8.35
C ARG C 131 -28.10 5.65 7.54
N ARG C 132 -28.35 4.98 6.42
CA ARG C 132 -29.50 5.26 5.57
C ARG C 132 -29.74 4.04 4.69
N ALA C 133 -30.72 4.14 3.81
CA ALA C 133 -31.04 3.03 2.94
C ALA C 133 -30.01 2.90 1.82
N ASP C 134 -29.78 1.67 1.35
CA ASP C 134 -28.96 1.46 0.18
C ASP C 134 -29.45 2.29 -1.00
N ALA C 135 -28.51 2.86 -1.76
CA ALA C 135 -28.87 3.69 -2.90
C ALA C 135 -27.89 3.47 -4.03
N ALA C 136 -28.40 3.16 -5.23
CA ALA C 136 -27.54 2.88 -6.36
C ALA C 136 -26.89 4.16 -6.87
N PRO C 137 -25.63 4.11 -7.30
CA PRO C 137 -24.98 5.31 -7.81
C PRO C 137 -25.54 5.74 -9.15
N THR C 138 -25.51 7.05 -9.38
CA THR C 138 -25.62 7.62 -10.71
C THR C 138 -24.23 7.66 -11.33
N VAL C 139 -24.09 7.04 -12.51
CA VAL C 139 -22.78 6.81 -13.11
C VAL C 139 -22.62 7.70 -14.34
N SER C 140 -21.45 8.30 -14.47
CA SER C 140 -21.12 9.18 -15.58
C SER C 140 -19.71 8.84 -16.03
N ILE C 141 -19.49 8.68 -17.33
CA ILE C 141 -18.15 8.37 -17.83
C ILE C 141 -17.73 9.47 -18.80
N PHE C 142 -16.43 9.78 -18.83
CA PHE C 142 -15.89 10.85 -19.69
C PHE C 142 -14.61 10.38 -20.39
N PRO C 143 -14.52 10.51 -21.71
CA PRO C 143 -13.26 10.22 -22.39
C PRO C 143 -12.26 11.32 -22.15
N PRO C 144 -11.00 11.13 -22.52
CA PRO C 144 -10.03 12.24 -22.39
C PRO C 144 -10.46 13.42 -23.24
N SER C 145 -10.26 14.61 -22.71
CA SER C 145 -10.55 15.81 -23.49
C SER C 145 -9.50 16.00 -24.58
N SER C 146 -9.88 16.74 -25.63
CA SER C 146 -8.92 17.05 -26.69
C SER C 146 -7.74 17.85 -26.16
N GLU C 147 -7.96 18.67 -25.13
CA GLU C 147 -6.86 19.44 -24.55
C GLU C 147 -5.81 18.51 -23.94
N GLN C 148 -6.24 17.48 -23.21
CA GLN C 148 -5.26 16.57 -22.61
C GLN C 148 -4.57 15.73 -23.67
N LEU C 149 -5.33 15.29 -24.69
CA LEU C 149 -4.74 14.51 -25.77
C LEU C 149 -3.68 15.31 -26.52
N THR C 150 -3.90 16.62 -26.66
CA THR C 150 -2.89 17.50 -27.25
C THR C 150 -1.60 17.47 -26.45
N SER C 151 -1.69 17.62 -25.13
CA SER C 151 -0.51 17.55 -24.26
C SER C 151 0.11 16.16 -24.18
N GLY C 152 -0.51 15.13 -24.76
CA GLY C 152 0.10 13.81 -24.84
C GLY C 152 -0.35 12.79 -23.81
N GLY C 153 -1.27 13.14 -22.91
CA GLY C 153 -1.82 12.21 -21.95
C GLY C 153 -3.29 11.89 -22.22
N ALA C 154 -3.78 10.89 -21.50
CA ALA C 154 -5.15 10.43 -21.68
C ALA C 154 -5.66 9.90 -20.35
N SER C 155 -6.59 10.63 -19.73
CA SER C 155 -7.24 10.19 -18.50
C SER C 155 -8.71 9.92 -18.79
N VAL C 156 -9.19 8.75 -18.39
CA VAL C 156 -10.60 8.41 -18.50
C VAL C 156 -11.20 8.49 -17.11
N VAL C 157 -12.30 9.23 -16.97
CA VAL C 157 -12.85 9.56 -15.65
C VAL C 157 -14.26 8.98 -15.51
N CYS C 158 -14.54 8.41 -14.36
CA CYS C 158 -15.87 7.91 -14.07
C CYS C 158 -16.31 8.46 -12.72
N PHE C 159 -17.51 9.06 -12.68
CA PHE C 159 -18.13 9.51 -11.43
C PHE C 159 -19.24 8.54 -11.05
N LEU C 160 -19.23 8.08 -9.79
CA LEU C 160 -20.33 7.33 -9.20
C LEU C 160 -20.93 8.22 -8.12
N ASN C 161 -22.13 8.73 -8.36
CA ASN C 161 -22.64 9.80 -7.52
C ASN C 161 -23.85 9.35 -6.71
N ASN C 162 -23.85 9.76 -5.44
CA ASN C 162 -25.02 9.73 -4.56
C ASN C 162 -25.45 8.30 -4.24
N PHE C 163 -24.50 7.50 -3.76
CA PHE C 163 -24.76 6.10 -3.46
C PHE C 163 -24.61 5.78 -1.97
N TYR C 164 -25.05 4.58 -1.60
CA TYR C 164 -24.88 4.11 -0.22
C TYR C 164 -25.02 2.60 -0.22
N PRO C 165 -24.21 1.85 0.55
CA PRO C 165 -23.16 2.27 1.49
C PRO C 165 -21.86 2.74 0.83
N LYS C 166 -20.88 3.10 1.68
CA LYS C 166 -19.64 3.70 1.18
C LYS C 166 -18.81 2.70 0.38
N ASP C 167 -18.80 1.43 0.77
CA ASP C 167 -17.97 0.50 0.02
C ASP C 167 -18.64 0.13 -1.30
N ILE C 168 -17.82 -0.08 -2.32
CA ILE C 168 -18.30 -0.18 -3.69
C ILE C 168 -17.10 -0.50 -4.55
N ASN C 169 -17.20 -1.51 -5.41
CA ASN C 169 -16.07 -1.88 -6.25
C ASN C 169 -16.32 -1.31 -7.65
N VAL C 170 -15.46 -0.39 -8.07
CA VAL C 170 -15.49 0.13 -9.43
C VAL C 170 -14.49 -0.67 -10.25
N LYS C 171 -14.95 -1.20 -11.38
CA LYS C 171 -14.12 -1.96 -12.30
C LYS C 171 -14.13 -1.25 -13.63
N TRP C 172 -12.98 -1.22 -14.29
CA TRP C 172 -12.85 -0.72 -15.65
C TRP C 172 -12.76 -1.91 -16.59
N LYS C 173 -13.53 -1.87 -17.67
CA LYS C 173 -13.48 -2.91 -18.69
C LYS C 173 -13.05 -2.24 -19.99
N ILE C 174 -11.88 -2.63 -20.49
CA ILE C 174 -11.31 -2.07 -21.72
C ILE C 174 -11.32 -3.15 -22.79
N ASP C 175 -12.01 -2.88 -23.89
CA ASP C 175 -12.21 -3.84 -24.98
C ASP C 175 -12.47 -5.22 -24.41
N GLY C 176 -13.46 -5.29 -23.52
CA GLY C 176 -13.93 -6.51 -22.93
C GLY C 176 -13.01 -7.20 -21.93
N SER C 177 -11.98 -6.51 -21.41
CA SER C 177 -11.09 -7.12 -20.42
C SER C 177 -10.94 -6.18 -19.22
N GLU C 178 -10.83 -6.77 -18.03
CA GLU C 178 -10.73 -6.01 -16.79
C GLU C 178 -9.33 -5.39 -16.65
N ARG C 179 -9.29 -4.19 -16.07
CA ARG C 179 -8.07 -3.38 -15.97
C ARG C 179 -8.01 -2.85 -14.54
N GLN C 180 -7.13 -3.43 -13.72
CA GLN C 180 -7.12 -3.14 -12.29
C GLN C 180 -5.98 -2.26 -11.83
N ASN C 181 -4.92 -2.10 -12.62
CA ASN C 181 -3.71 -1.41 -12.20
C ASN C 181 -3.71 0.02 -12.69
N GLY C 182 -3.27 0.95 -11.83
CA GLY C 182 -3.21 2.34 -12.20
C GLY C 182 -4.50 3.12 -12.04
N VAL C 183 -5.47 2.58 -11.32
CA VAL C 183 -6.77 3.23 -11.15
C VAL C 183 -6.74 4.01 -9.83
N LEU C 184 -7.08 5.30 -9.91
CA LEU C 184 -7.21 6.17 -8.73
C LEU C 184 -8.68 6.30 -8.36
N ASN C 185 -9.03 5.80 -7.18
CA ASN C 185 -10.39 5.85 -6.67
C ASN C 185 -10.41 6.75 -5.44
N SER C 186 -11.31 7.74 -5.44
CA SER C 186 -11.37 8.77 -4.41
C SER C 186 -12.82 9.00 -4.00
N TRP C 187 -13.13 8.84 -2.71
CA TRP C 187 -14.48 9.00 -2.17
C TRP C 187 -14.66 10.36 -1.50
N THR C 188 -15.86 10.94 -1.64
CA THR C 188 -16.19 12.11 -0.82
C THR C 188 -16.43 11.68 0.63
N ASP C 189 -16.47 12.67 1.53
CA ASP C 189 -17.05 12.41 2.84
C ASP C 189 -18.57 12.31 2.69
N GLN C 190 -19.21 11.72 3.69
CA GLN C 190 -20.66 11.57 3.62
C GLN C 190 -21.33 12.93 3.48
N ASP C 191 -22.35 12.99 2.64
CA ASP C 191 -23.06 14.25 2.40
C ASP C 191 -23.91 14.64 3.60
N SER C 192 -23.92 15.94 3.90
CA SER C 192 -24.65 16.46 5.04
C SER C 192 -26.15 16.59 4.80
N LYS C 193 -26.61 16.40 3.57
CA LYS C 193 -28.02 16.57 3.25
C LYS C 193 -28.76 15.26 3.04
N ASP C 194 -28.18 14.29 2.33
CA ASP C 194 -28.87 13.02 2.09
C ASP C 194 -28.12 11.80 2.58
N SER C 195 -26.94 11.97 3.17
CA SER C 195 -26.15 10.92 3.81
C SER C 195 -25.57 9.93 2.82
N THR C 196 -25.44 10.32 1.55
CA THR C 196 -24.81 9.46 0.56
C THR C 196 -23.32 9.76 0.44
N TYR C 197 -22.62 8.90 -0.28
CA TYR C 197 -21.25 9.09 -0.71
C TYR C 197 -21.21 9.24 -2.22
N SER C 198 -20.16 9.88 -2.72
CA SER C 198 -19.84 9.85 -4.14
C SER C 198 -18.40 9.40 -4.29
N MET C 199 -18.04 9.03 -5.52
CA MET C 199 -16.65 8.65 -5.74
C MET C 199 -16.29 8.91 -7.19
N SER C 200 -15.00 9.16 -7.38
CA SER C 200 -14.39 9.42 -8.68
C SER C 200 -13.39 8.29 -8.94
N SER C 201 -13.41 7.76 -10.16
CA SER C 201 -12.43 6.78 -10.61
C SER C 201 -11.73 7.32 -11.86
N THR C 202 -10.41 7.35 -11.81
CA THR C 202 -9.61 7.95 -12.87
C THR C 202 -8.62 6.92 -13.37
N LEU C 203 -8.63 6.69 -14.67
CA LEU C 203 -7.70 5.79 -15.33
C LEU C 203 -6.81 6.64 -16.23
N THR C 204 -5.55 6.78 -15.84
CA THR C 204 -4.62 7.65 -16.55
C THR C 204 -3.75 6.78 -17.45
N LEU C 205 -3.81 7.06 -18.75
CA LEU C 205 -3.11 6.32 -19.76
C LEU C 205 -2.25 7.29 -20.57
N THR C 206 -1.22 6.74 -21.23
CA THR C 206 -0.59 7.51 -22.28
C THR C 206 -1.52 7.58 -23.49
N LYS C 207 -1.26 8.56 -24.35
CA LYS C 207 -2.03 8.68 -25.58
C LYS C 207 -1.89 7.42 -26.43
N ASP C 208 -0.70 6.80 -26.42
CA ASP C 208 -0.47 5.60 -27.21
C ASP C 208 -1.38 4.47 -26.77
N GLU C 209 -1.38 4.16 -25.48
CA GLU C 209 -2.22 3.03 -25.05
C GLU C 209 -3.69 3.38 -25.11
N TYR C 210 -4.06 4.66 -24.95
CA TYR C 210 -5.47 5.02 -25.10
C TYR C 210 -5.99 4.69 -26.50
N GLU C 211 -5.23 5.07 -27.53
CA GLU C 211 -5.67 4.88 -28.91
C GLU C 211 -5.68 3.42 -29.34
N ARG C 212 -4.96 2.54 -28.62
CA ARG C 212 -4.93 1.11 -28.92
C ARG C 212 -6.22 0.38 -28.57
N HIS C 213 -7.24 1.04 -28.02
CA HIS C 213 -8.47 0.36 -27.63
C HIS C 213 -9.65 1.24 -27.95
N ASN C 214 -10.81 0.61 -28.14
CA ASN C 214 -11.98 1.34 -28.61
C ASN C 214 -13.09 1.49 -27.57
N SER C 215 -13.36 0.48 -26.75
CA SER C 215 -14.50 0.53 -25.84
C SER C 215 -14.00 0.64 -24.40
N TYR C 216 -14.53 1.64 -23.69
CA TYR C 216 -14.16 1.89 -22.30
C TYR C 216 -15.41 1.83 -21.46
N THR C 217 -15.42 0.98 -20.46
CA THR C 217 -16.58 0.74 -19.63
C THR C 217 -16.23 0.91 -18.15
N CYS C 218 -17.04 1.69 -17.45
CA CYS C 218 -16.93 1.86 -16.01
C CYS C 218 -18.06 1.04 -15.37
N GLU C 219 -17.70 0.10 -14.49
CA GLU C 219 -18.69 -0.80 -13.88
C GLU C 219 -18.68 -0.71 -12.36
N ALA C 220 -19.85 -0.44 -11.77
CA ALA C 220 -20.05 -0.30 -10.33
C ALA C 220 -20.74 -1.52 -9.79
N THR C 221 -20.10 -2.21 -8.83
CA THR C 221 -20.77 -3.29 -8.10
C THR C 221 -20.98 -2.90 -6.64
N SER C 227 -28.07 -6.70 -11.73
CA SER C 227 -27.01 -6.45 -12.73
C SER C 227 -26.26 -5.14 -12.46
N PRO C 228 -24.94 -5.16 -12.64
CA PRO C 228 -24.14 -3.96 -12.37
C PRO C 228 -24.62 -2.75 -13.15
N ILE C 229 -24.36 -1.57 -12.61
CA ILE C 229 -24.61 -0.32 -13.29
C ILE C 229 -23.35 0.01 -14.08
N VAL C 230 -23.48 0.16 -15.40
CA VAL C 230 -22.32 0.39 -16.25
C VAL C 230 -22.57 1.63 -17.10
N LYS C 231 -21.47 2.30 -17.44
CA LYS C 231 -21.44 3.34 -18.45
C LYS C 231 -20.25 3.07 -19.34
N SER C 232 -20.39 3.46 -20.60
CA SER C 232 -19.47 3.02 -21.63
C SER C 232 -19.34 4.12 -22.67
N PHE C 233 -18.20 4.14 -23.37
CA PHE C 233 -18.11 4.91 -24.60
C PHE C 233 -17.17 4.19 -25.55
N ASN C 234 -17.34 4.47 -26.84
CA ASN C 234 -16.40 4.03 -27.87
C ASN C 234 -15.54 5.21 -28.31
N ARG C 235 -14.23 4.95 -28.42
CA ARG C 235 -13.30 6.02 -28.78
C ARG C 235 -13.58 6.56 -30.18
N ASN C 236 -14.13 5.74 -31.06
CA ASN C 236 -14.54 6.20 -32.39
C ASN C 236 -15.79 7.09 -32.30
N ASP D 19 -7.44 0.89 -7.31
CA ASP D 19 -6.68 -0.01 -6.45
C ASP D 19 -5.61 0.73 -5.68
N VAL D 20 -4.97 0.02 -4.77
CA VAL D 20 -3.86 0.53 -3.97
C VAL D 20 -2.64 -0.32 -4.25
N GLN D 21 -1.53 0.31 -4.62
CA GLN D 21 -0.29 -0.40 -4.90
C GLN D 21 0.83 0.15 -4.03
N LEU D 22 1.69 -0.74 -3.55
CA LEU D 22 2.86 -0.39 -2.77
C LEU D 22 4.07 -0.93 -3.51
N GLN D 23 5.01 -0.05 -3.83
CA GLN D 23 6.22 -0.45 -4.55
C GLN D 23 7.44 -0.14 -3.70
N GLU D 24 8.19 -1.19 -3.34
CA GLU D 24 9.40 -1.03 -2.55
C GLU D 24 10.60 -0.81 -3.45
N SER D 25 11.59 -0.09 -2.92
CA SER D 25 12.83 0.11 -3.64
C SER D 25 13.96 0.30 -2.64
N GLY D 26 15.19 0.06 -3.10
CA GLY D 26 16.33 0.13 -2.24
C GLY D 26 17.51 -0.65 -2.79
N PRO D 27 18.71 -0.30 -2.33
CA PRO D 27 19.90 -1.04 -2.74
C PRO D 27 19.79 -2.53 -2.49
N GLY D 28 19.96 -3.32 -3.55
CA GLY D 28 19.86 -4.77 -3.41
C GLY D 28 21.04 -5.36 -2.64
N LEU D 29 22.25 -4.91 -2.98
CA LEU D 29 23.46 -5.41 -2.33
C LEU D 29 24.03 -4.33 -1.41
N VAL D 30 24.16 -4.66 -0.13
CA VAL D 30 24.79 -3.79 0.85
C VAL D 30 25.85 -4.60 1.59
N LYS D 31 26.99 -3.96 1.89
CA LYS D 31 28.07 -4.60 2.60
C LYS D 31 27.74 -4.68 4.09
N PRO D 32 28.25 -5.68 4.81
CA PRO D 32 27.96 -5.80 6.23
C PRO D 32 28.41 -4.58 7.02
N SER D 33 27.95 -4.52 8.28
CA SER D 33 28.10 -3.38 9.18
C SER D 33 27.21 -2.22 8.76
N GLN D 34 27.14 -1.91 7.46
CA GLN D 34 26.57 -0.66 6.97
C GLN D 34 25.07 -0.57 7.18
N THR D 35 24.42 0.35 6.48
CA THR D 35 23.00 0.63 6.69
C THR D 35 22.22 0.27 5.43
N VAL D 36 21.03 -0.30 5.63
CA VAL D 36 20.08 -0.48 4.55
C VAL D 36 19.03 0.62 4.67
N SER D 37 18.69 1.24 3.55
CA SER D 37 17.63 2.24 3.48
C SER D 37 16.64 1.83 2.40
N LEU D 38 15.40 1.52 2.80
CA LEU D 38 14.34 1.16 1.87
C LEU D 38 13.23 2.20 1.85
N THR D 39 12.57 2.30 0.70
CA THR D 39 11.45 3.20 0.45
C THR D 39 10.26 2.38 -0.03
N CYS D 40 9.06 2.78 0.42
CA CYS D 40 7.79 2.20 -0.02
C CYS D 40 6.92 3.36 -0.50
N THR D 41 6.70 3.43 -1.82
CA THR D 41 5.86 4.46 -2.42
C THR D 41 4.46 3.90 -2.63
N VAL D 42 3.47 4.57 -2.06
CA VAL D 42 2.08 4.10 -2.13
C VAL D 42 1.32 4.89 -3.19
N THR D 43 0.54 4.21 -4.02
CA THR D 43 -0.31 4.89 -5.00
C THR D 43 -1.72 4.35 -4.90
N GLY D 44 -2.70 5.25 -4.91
CA GLY D 44 -4.10 4.91 -4.90
C GLY D 44 -4.80 5.24 -3.60
N ILE D 45 -4.05 5.49 -2.55
CA ILE D 45 -4.59 5.96 -1.28
C ILE D 45 -3.50 6.78 -0.61
N SER D 46 -3.90 7.73 0.23
CA SER D 46 -2.93 8.50 0.98
C SER D 46 -2.54 7.76 2.25
N ILE D 47 -1.28 7.88 2.64
CA ILE D 47 -0.80 7.17 3.84
C ILE D 47 -1.25 7.90 5.10
N THR D 48 -1.96 9.03 4.94
CA THR D 48 -2.52 9.81 6.05
C THR D 48 -4.02 9.61 6.22
N THR D 49 -4.61 8.66 5.48
CA THR D 49 -6.06 8.54 5.39
C THR D 49 -6.60 7.56 6.43
N GLY D 50 -7.65 7.97 7.12
CA GLY D 50 -8.68 7.04 7.60
C GLY D 50 -8.21 5.93 8.53
N ASN D 51 -7.26 6.23 9.41
CA ASN D 51 -6.88 5.36 10.53
C ASN D 51 -6.11 4.09 10.12
N TYR D 52 -5.53 4.05 8.91
CA TYR D 52 -4.75 2.90 8.47
C TYR D 52 -3.35 2.90 9.08
N ARG D 53 -2.78 1.71 9.24
CA ARG D 53 -1.39 1.57 9.66
C ARG D 53 -0.58 0.87 8.59
N TRP D 54 0.72 1.18 8.55
CA TRP D 54 1.63 0.69 7.53
C TRP D 54 2.79 -0.01 8.22
N SER D 55 3.01 -1.28 7.86
CA SER D 55 4.01 -2.12 8.51
C SER D 55 5.12 -2.50 7.53
N TRP D 56 6.27 -2.78 8.11
CA TRP D 56 7.38 -3.42 7.42
C TRP D 56 7.52 -4.84 7.93
N ILE D 57 7.67 -5.79 7.00
CA ILE D 57 7.76 -7.21 7.31
C ILE D 57 8.84 -7.80 6.42
N ARG D 58 9.73 -8.61 7.01
CA ARG D 58 10.75 -9.25 6.19
C ARG D 58 10.59 -10.76 6.23
N GLN D 59 11.08 -11.40 5.17
CA GLN D 59 11.05 -12.85 5.05
C GLN D 59 12.45 -13.36 4.76
N PHE D 60 12.99 -14.15 5.67
CA PHE D 60 14.34 -14.69 5.55
C PHE D 60 14.38 -15.84 4.55
N PRO D 61 15.55 -16.14 3.99
CA PRO D 61 15.67 -17.37 3.19
C PRO D 61 15.31 -18.56 4.05
N GLY D 62 14.47 -19.45 3.50
CA GLY D 62 13.84 -20.46 4.31
C GLY D 62 12.45 -20.09 4.80
N ASN D 63 12.00 -18.87 4.48
CA ASN D 63 10.61 -18.41 4.51
C ASN D 63 10.09 -17.98 5.88
N LYS D 64 10.93 -17.83 6.90
CA LYS D 64 10.43 -17.32 8.17
C LYS D 64 10.04 -15.85 8.00
N LEU D 65 8.91 -15.47 8.58
CA LEU D 65 8.39 -14.11 8.50
C LEU D 65 8.62 -13.38 9.81
N GLU D 66 9.11 -12.13 9.74
CA GLU D 66 9.32 -11.31 10.93
C GLU D 66 8.74 -9.91 10.76
N TRP D 67 7.78 -9.56 11.60
CA TRP D 67 7.24 -8.20 11.64
C TRP D 67 8.26 -7.25 12.27
N MET D 68 8.46 -6.09 11.63
CA MET D 68 9.51 -5.17 12.06
C MET D 68 9.00 -3.94 12.79
N GLY D 69 7.80 -3.49 12.48
CA GLY D 69 7.33 -2.22 13.02
C GLY D 69 6.24 -1.65 12.14
N TYR D 70 5.60 -0.61 12.66
CA TYR D 70 4.56 0.07 11.88
C TYR D 70 4.65 1.57 12.12
N ILE D 71 4.06 2.31 11.18
CA ILE D 71 3.80 3.73 11.33
C ILE D 71 2.33 3.93 10.98
N SER D 72 1.62 4.70 11.80
CA SER D 72 0.22 4.91 11.53
C SER D 72 0.02 6.15 10.65
N TYR D 73 -1.22 6.28 10.17
CA TYR D 73 -1.66 7.44 9.40
C TYR D 73 -1.36 8.76 10.12
N SER D 74 -1.28 8.73 11.46
CA SER D 74 -1.06 9.92 12.26
C SER D 74 0.35 9.98 12.84
N ASP D 75 1.26 9.19 12.29
CA ASP D 75 2.70 9.23 12.56
C ASP D 75 3.11 8.53 13.87
N THR D 76 2.24 7.70 14.44
CA THR D 76 2.66 6.89 15.58
C THR D 76 3.45 5.67 15.10
N ILE D 77 4.58 5.40 15.75
CA ILE D 77 5.50 4.33 15.36
C ILE D 77 5.66 3.35 16.51
N THR D 78 5.58 2.04 16.22
CA THR D 78 5.86 0.99 17.19
C THR D 78 6.77 -0.05 16.53
N TYR D 79 7.82 -0.47 17.24
CA TYR D 79 8.82 -1.38 16.71
C TYR D 79 8.69 -2.77 17.32
N ASN D 80 9.28 -3.73 16.61
CA ASN D 80 9.56 -5.04 17.20
C ASN D 80 10.67 -4.83 18.21
N PRO D 81 10.47 -5.18 19.49
CA PRO D 81 11.47 -4.85 20.52
C PRO D 81 12.86 -5.39 20.25
N SER D 82 13.00 -6.46 19.47
CA SER D 82 14.33 -6.96 19.13
C SER D 82 15.00 -6.18 18.02
N LEU D 83 14.33 -5.15 17.48
CA LEU D 83 14.88 -4.30 16.43
C LEU D 83 15.03 -2.83 16.85
N THR D 84 14.37 -2.41 17.92
CA THR D 84 14.24 -0.99 18.24
C THR D 84 15.60 -0.30 18.38
N SER D 85 16.63 -1.05 18.74
CA SER D 85 17.95 -0.46 18.95
C SER D 85 18.62 -0.03 17.64
N ARG D 86 18.20 -0.56 16.49
CA ARG D 86 18.95 -0.28 15.27
C ARG D 86 18.08 -0.06 14.03
N THR D 87 16.77 0.13 14.17
CA THR D 87 15.94 0.41 13.00
C THR D 87 15.08 1.64 13.25
N THR D 88 14.87 2.41 12.19
CA THR D 88 14.03 3.59 12.22
C THR D 88 13.04 3.53 11.07
N ILE D 89 11.79 3.83 11.37
CA ILE D 89 10.72 3.92 10.40
C ILE D 89 10.26 5.38 10.37
N THR D 90 10.20 5.97 9.17
CA THR D 90 9.76 7.35 9.00
C THR D 90 8.82 7.45 7.80
N ARG D 91 8.32 8.65 7.54
CA ARG D 91 7.47 8.87 6.38
C ARG D 91 7.75 10.26 5.79
N ASP D 92 7.46 10.38 4.49
CA ASP D 92 7.39 11.67 3.78
C ASP D 92 6.01 11.73 3.13
N ILE D 93 5.06 12.37 3.80
CA ILE D 93 3.69 12.39 3.30
C ILE D 93 3.57 13.15 1.97
N SER D 94 4.48 14.09 1.68
CA SER D 94 4.35 14.81 0.42
C SER D 94 4.72 13.94 -0.78
N ARG D 95 5.40 12.83 -0.54
CA ARG D 95 5.74 11.87 -1.58
C ARG D 95 4.95 10.57 -1.43
N ASN D 96 4.07 10.48 -0.43
CA ASN D 96 3.29 9.27 -0.12
C ASN D 96 4.21 8.07 0.03
N GLN D 97 5.30 8.29 0.76
CA GLN D 97 6.35 7.30 0.97
C GLN D 97 6.55 7.00 2.44
N ILE D 98 6.96 5.75 2.68
CA ILE D 98 7.37 5.28 3.99
C ILE D 98 8.78 4.70 3.87
N PHE D 99 9.58 4.88 4.92
CA PHE D 99 10.97 4.48 4.87
C PHE D 99 11.29 3.50 5.99
N LEU D 100 12.29 2.67 5.75
CA LEU D 100 12.87 1.77 6.73
C LEU D 100 14.37 1.94 6.65
N GLU D 101 14.97 2.28 7.78
CA GLU D 101 16.41 2.41 7.91
C GLU D 101 16.85 1.39 8.95
N MET D 102 17.95 0.70 8.66
CA MET D 102 18.46 -0.29 9.60
C MET D 102 19.96 -0.29 9.49
N ASN D 103 20.65 -0.18 10.62
CA ASN D 103 22.11 -0.18 10.61
C ASN D 103 22.61 -1.38 11.41
N SER D 104 23.94 -1.46 11.54
CA SER D 104 24.60 -2.55 12.26
C SER D 104 24.21 -3.89 11.65
N LEU D 105 24.49 -4.02 10.35
CA LEU D 105 23.99 -5.13 9.55
C LEU D 105 24.92 -6.33 9.61
N THR D 106 24.33 -7.51 9.71
CA THR D 106 25.03 -8.78 9.55
C THR D 106 24.39 -9.56 8.41
N ALA D 107 24.95 -10.73 8.10
CA ALA D 107 24.35 -11.58 7.08
C ALA D 107 22.99 -12.12 7.51
N GLU D 108 22.68 -12.07 8.80
CA GLU D 108 21.35 -12.44 9.29
C GLU D 108 20.25 -11.51 8.79
N ASP D 109 20.61 -10.38 8.16
CA ASP D 109 19.64 -9.41 7.68
C ASP D 109 19.34 -9.55 6.20
N THR D 110 19.99 -10.49 5.51
CA THR D 110 19.60 -10.82 4.13
C THR D 110 18.18 -11.37 4.13
N ALA D 111 17.28 -10.72 3.40
CA ALA D 111 15.87 -11.10 3.41
C ALA D 111 15.13 -10.32 2.33
N THR D 112 13.88 -10.72 2.11
CA THR D 112 12.96 -9.93 1.30
C THR D 112 12.16 -9.04 2.22
N TYR D 113 12.15 -7.74 1.94
CA TYR D 113 11.56 -6.73 2.80
C TYR D 113 10.28 -6.25 2.13
N TYR D 114 9.17 -6.35 2.86
CA TYR D 114 7.85 -5.99 2.37
C TYR D 114 7.32 -4.80 3.17
N CYS D 115 6.61 -3.89 2.50
CA CYS D 115 5.70 -2.99 3.19
C CYS D 115 4.29 -3.48 2.97
N ALA D 116 3.44 -3.26 3.97
CA ALA D 116 2.09 -3.78 3.96
C ALA D 116 1.14 -2.77 4.59
N ARG D 117 -0.05 -2.64 4.00
CA ARG D 117 -1.12 -1.91 4.65
C ARG D 117 -1.85 -2.88 5.57
N GLU D 118 -2.00 -2.50 6.83
CA GLU D 118 -2.67 -3.36 7.79
C GLU D 118 -4.16 -3.39 7.54
N GLY D 119 -4.78 -4.51 7.92
CA GLY D 119 -6.22 -4.60 7.87
C GLY D 119 -6.88 -3.57 8.76
N VAL D 120 -8.17 -3.32 8.49
CA VAL D 120 -8.88 -2.21 9.13
C VAL D 120 -8.87 -2.33 10.64
N LEU D 121 -8.87 -3.55 11.18
CA LEU D 121 -8.89 -3.75 12.61
C LEU D 121 -7.50 -3.81 13.24
N HIS D 122 -6.43 -3.74 12.43
CA HIS D 122 -5.04 -3.60 12.87
C HIS D 122 -4.36 -4.93 13.22
N TRP D 123 -3.03 -4.96 13.07
CA TRP D 123 -2.13 -6.04 13.44
C TRP D 123 -2.27 -7.28 12.55
N TYR D 124 -2.98 -7.19 11.42
CA TYR D 124 -2.91 -8.16 10.34
C TYR D 124 -2.80 -7.41 9.00
N PHE D 125 -2.28 -8.09 7.98
CA PHE D 125 -1.65 -7.43 6.83
C PHE D 125 -2.42 -7.76 5.55
N ALA D 126 -3.16 -6.77 5.04
CA ALA D 126 -4.14 -6.98 3.98
C ALA D 126 -3.61 -6.68 2.59
N VAL D 127 -2.79 -5.64 2.42
CA VAL D 127 -2.28 -5.28 1.09
C VAL D 127 -0.76 -5.24 1.17
N TRP D 128 -0.11 -6.06 0.37
CA TRP D 128 1.35 -6.15 0.43
C TRP D 128 1.98 -5.58 -0.83
N GLY D 129 3.22 -5.06 -0.67
CA GLY D 129 4.02 -4.68 -1.82
C GLY D 129 4.69 -5.90 -2.43
N ALA D 130 5.38 -5.68 -3.56
CA ALA D 130 5.97 -6.83 -4.24
C ALA D 130 7.24 -7.33 -3.54
N GLY D 131 7.79 -6.54 -2.61
CA GLY D 131 8.97 -6.96 -1.90
C GLY D 131 10.23 -6.54 -2.60
N THR D 132 11.28 -6.32 -1.83
CA THR D 132 12.59 -6.03 -2.39
C THR D 132 13.62 -6.77 -1.56
N THR D 133 14.51 -7.47 -2.24
CA THR D 133 15.48 -8.31 -1.55
C THR D 133 16.73 -7.51 -1.23
N VAL D 134 17.22 -7.67 -0.01
CA VAL D 134 18.49 -7.08 0.38
C VAL D 134 19.44 -8.21 0.69
N THR D 135 20.61 -8.20 0.05
CA THR D 135 21.67 -9.16 0.33
C THR D 135 22.79 -8.43 1.04
N VAL D 136 23.13 -8.89 2.24
CA VAL D 136 24.22 -8.34 3.04
C VAL D 136 25.42 -9.26 2.88
N SER D 137 26.40 -8.81 2.11
CA SER D 137 27.57 -9.63 1.83
C SER D 137 28.73 -8.71 1.46
N SER D 138 29.94 -9.22 1.66
CA SER D 138 31.14 -8.51 1.24
C SER D 138 31.54 -8.81 -0.19
N ALA D 139 30.87 -9.77 -0.84
CA ALA D 139 31.32 -10.25 -2.15
C ALA D 139 31.09 -9.22 -3.24
N LYS D 140 31.94 -9.28 -4.27
CA LYS D 140 31.81 -8.38 -5.42
C LYS D 140 30.57 -8.72 -6.23
N THR D 141 30.05 -7.72 -6.94
CA THR D 141 29.02 -7.95 -7.93
C THR D 141 29.66 -8.56 -9.19
N THR D 142 29.06 -9.64 -9.69
CA THR D 142 29.60 -10.37 -10.82
C THR D 142 28.47 -10.65 -11.80
N PRO D 143 28.61 -10.28 -13.07
CA PRO D 143 27.53 -10.51 -14.02
C PRO D 143 27.57 -11.95 -14.52
N PRO D 144 26.44 -12.47 -15.01
CA PRO D 144 26.40 -13.87 -15.44
C PRO D 144 27.00 -14.10 -16.82
N SER D 145 27.54 -15.30 -17.00
CA SER D 145 27.81 -15.87 -18.32
C SER D 145 26.59 -16.68 -18.73
N VAL D 146 26.19 -16.58 -19.99
CA VAL D 146 24.98 -17.26 -20.47
C VAL D 146 25.36 -18.21 -21.59
N TYR D 147 25.11 -19.50 -21.37
CA TYR D 147 25.43 -20.53 -22.33
C TYR D 147 24.14 -21.08 -22.92
N PRO D 148 24.04 -21.17 -24.24
CA PRO D 148 22.84 -21.76 -24.84
C PRO D 148 22.88 -23.28 -24.74
N LEU D 149 21.71 -23.85 -24.58
CA LEU D 149 21.53 -25.29 -24.52
C LEU D 149 20.71 -25.68 -25.74
N ALA D 150 21.38 -26.14 -26.78
CA ALA D 150 20.71 -26.58 -27.99
C ALA D 150 20.98 -28.07 -28.22
N PRO D 151 20.03 -28.81 -28.80
CA PRO D 151 20.20 -30.26 -29.04
C PRO D 151 21.49 -30.62 -29.76
N SER D 160 8.32 -32.22 -30.76
CA SER D 160 8.70 -31.06 -29.96
C SER D 160 10.17 -31.05 -29.64
N VAL D 161 10.67 -29.87 -29.30
CA VAL D 161 12.08 -29.68 -29.01
C VAL D 161 12.19 -28.77 -27.79
N THR D 162 13.09 -29.13 -26.89
CA THR D 162 13.36 -28.37 -25.68
C THR D 162 14.69 -27.65 -25.86
N LEU D 163 14.71 -26.38 -25.50
CA LEU D 163 15.90 -25.56 -25.60
C LEU D 163 16.17 -25.02 -24.21
N GLY D 164 17.38 -24.52 -24.01
CA GLY D 164 17.59 -23.91 -22.72
C GLY D 164 18.74 -22.92 -22.72
N CYS D 165 18.94 -22.30 -21.58
CA CYS D 165 20.09 -21.45 -21.33
CA CYS D 165 20.18 -21.61 -21.39
C CYS D 165 20.61 -21.70 -19.93
N LEU D 166 21.91 -21.88 -19.79
CA LEU D 166 22.56 -22.06 -18.50
C LEU D 166 23.17 -20.71 -18.12
N VAL D 167 22.90 -20.27 -16.90
CA VAL D 167 23.32 -18.95 -16.44
C VAL D 167 24.23 -19.17 -15.24
N LYS D 168 25.50 -18.81 -15.37
CA LYS D 168 26.53 -19.31 -14.48
C LYS D 168 27.39 -18.18 -13.96
N GLY D 169 27.79 -18.29 -12.69
CA GLY D 169 28.83 -17.47 -12.11
C GLY D 169 28.44 -16.02 -11.86
N TYR D 170 27.23 -15.78 -11.38
CA TYR D 170 26.79 -14.42 -11.11
C TYR D 170 26.55 -14.22 -9.62
N PHE D 171 26.47 -12.94 -9.22
CA PHE D 171 26.26 -12.53 -7.83
C PHE D 171 25.95 -11.04 -7.78
N PRO D 172 24.98 -10.62 -6.96
CA PRO D 172 24.17 -11.49 -6.11
C PRO D 172 23.04 -12.15 -6.88
N GLU D 173 22.18 -12.87 -6.15
CA GLU D 173 21.02 -13.49 -6.76
C GLU D 173 20.01 -12.41 -7.13
N SER D 174 19.38 -12.61 -8.29
CA SER D 174 18.40 -11.74 -8.94
C SER D 174 18.68 -11.75 -10.44
N VAL D 175 18.36 -12.86 -11.10
CA VAL D 175 18.39 -12.95 -12.54
C VAL D 175 16.99 -13.29 -13.01
N THR D 176 16.58 -12.74 -14.14
CA THR D 176 15.35 -13.18 -14.79
C THR D 176 15.66 -13.52 -16.23
N VAL D 177 15.11 -14.65 -16.68
CA VAL D 177 15.19 -15.09 -18.06
C VAL D 177 13.82 -14.91 -18.68
N THR D 178 13.79 -14.40 -19.91
CA THR D 178 12.58 -14.41 -20.71
C THR D 178 12.94 -14.92 -22.09
N TRP D 179 12.01 -15.61 -22.73
CA TRP D 179 12.21 -16.16 -24.06
C TRP D 179 11.35 -15.41 -25.07
N ASN D 180 11.94 -15.13 -26.23
CA ASN D 180 11.45 -14.15 -27.21
C ASN D 180 10.01 -13.64 -27.04
N SER D 187 5.08 -23.00 -20.93
CA SER D 187 6.04 -23.83 -21.66
C SER D 187 7.49 -23.60 -21.19
N VAL D 188 7.64 -22.86 -20.10
CA VAL D 188 8.94 -22.43 -19.59
C VAL D 188 9.09 -22.90 -18.16
N HIS D 189 10.28 -23.41 -17.83
CA HIS D 189 10.64 -23.73 -16.44
C HIS D 189 11.90 -23.00 -16.06
N THR D 190 11.90 -22.45 -14.86
CA THR D 190 13.02 -21.74 -14.27
C THR D 190 13.50 -22.52 -13.07
N PHE D 191 14.67 -23.01 -13.15
CA PHE D 191 15.12 -23.82 -12.04
C PHE D 191 15.86 -22.94 -11.04
N PRO D 192 15.71 -23.21 -9.75
CA PRO D 192 16.31 -22.34 -8.73
C PRO D 192 17.83 -22.32 -8.78
N ALA D 193 18.39 -21.17 -8.42
CA ALA D 193 19.82 -20.96 -8.44
C ALA D 193 20.52 -21.69 -7.31
N LEU D 194 21.66 -22.27 -7.62
CA LEU D 194 22.47 -23.00 -6.66
C LEU D 194 23.75 -22.20 -6.40
N LEU D 195 24.11 -22.06 -5.13
CA LEU D 195 25.34 -21.37 -4.76
C LEU D 195 26.51 -22.35 -4.75
N GLN D 196 27.65 -21.90 -5.27
CA GLN D 196 28.84 -22.75 -5.37
C GLN D 196 30.06 -21.84 -5.31
N SER D 197 30.79 -21.90 -4.20
CA SER D 197 31.97 -21.06 -3.96
C SER D 197 31.71 -19.60 -4.36
N GLY D 198 30.63 -19.04 -3.81
CA GLY D 198 30.36 -17.62 -3.91
C GLY D 198 29.59 -17.17 -5.14
N LEU D 199 29.37 -18.04 -6.11
CA LEU D 199 28.71 -17.66 -7.36
C LEU D 199 27.50 -18.56 -7.61
N TYR D 200 26.47 -17.97 -8.24
CA TYR D 200 25.20 -18.67 -8.45
C TYR D 200 25.14 -19.24 -9.87
N THR D 201 24.43 -20.35 -9.99
CA THR D 201 24.13 -20.95 -11.29
C THR D 201 22.66 -21.33 -11.33
N MET D 202 22.01 -21.06 -12.45
CA MET D 202 20.65 -21.53 -12.66
C MET D 202 20.52 -21.87 -14.13
N SER D 203 19.36 -22.43 -14.48
CA SER D 203 19.10 -22.70 -15.88
C SER D 203 17.60 -22.52 -16.10
N SER D 204 17.25 -22.43 -17.37
CA SER D 204 15.87 -22.21 -17.79
C SER D 204 15.68 -23.01 -19.06
N SER D 205 14.52 -23.65 -19.19
CA SER D 205 14.23 -24.35 -20.42
C SER D 205 12.94 -23.82 -21.03
N VAL D 206 12.81 -24.04 -22.33
CA VAL D 206 11.60 -23.72 -23.07
C VAL D 206 11.35 -24.85 -24.06
N THR D 207 10.08 -25.15 -24.30
CA THR D 207 9.67 -26.17 -25.24
C THR D 207 8.82 -25.55 -26.33
N VAL D 208 9.15 -25.87 -27.58
CA VAL D 208 8.45 -25.37 -28.77
C VAL D 208 8.33 -26.52 -29.77
N PRO D 209 7.39 -26.41 -30.72
CA PRO D 209 7.27 -27.44 -31.76
C PRO D 209 8.45 -27.46 -32.72
N SER D 210 8.82 -28.67 -33.18
CA SER D 210 10.01 -28.87 -33.98
C SER D 210 9.90 -28.30 -35.40
N SER D 211 8.73 -27.83 -35.80
CA SER D 211 8.66 -27.00 -36.99
C SER D 211 9.02 -25.55 -36.67
N THR D 212 8.66 -25.08 -35.48
CA THR D 212 8.92 -23.69 -35.08
C THR D 212 10.41 -23.39 -35.06
N TRP D 213 11.19 -24.19 -34.34
CA TRP D 213 12.64 -24.05 -34.29
C TRP D 213 13.28 -25.19 -35.06
N PRO D 214 14.40 -24.96 -35.76
CA PRO D 214 15.15 -23.72 -35.95
C PRO D 214 14.68 -22.84 -37.11
N SER D 215 13.44 -23.03 -37.58
CA SER D 215 12.91 -22.14 -38.61
C SER D 215 12.76 -20.73 -38.06
N GLN D 216 12.01 -20.57 -36.97
CA GLN D 216 11.93 -19.29 -36.29
C GLN D 216 13.13 -19.10 -35.37
N THR D 217 13.29 -17.87 -34.89
CA THR D 217 14.40 -17.52 -33.98
C THR D 217 13.94 -17.66 -32.53
N VAL D 218 14.73 -18.36 -31.73
CA VAL D 218 14.51 -18.45 -30.29
C VAL D 218 15.69 -17.83 -29.58
N THR D 219 15.41 -16.95 -28.62
CA THR D 219 16.44 -16.20 -27.91
C THR D 219 16.06 -16.16 -26.45
N CYS D 220 17.03 -16.37 -25.57
CA CYS D 220 16.82 -16.21 -24.14
C CYS D 220 17.50 -14.92 -23.72
N SER D 221 16.71 -13.95 -23.28
CA SER D 221 17.22 -12.71 -22.75
C SER D 221 17.36 -12.86 -21.25
N VAL D 222 18.58 -12.70 -20.73
CA VAL D 222 18.85 -12.83 -19.31
C VAL D 222 19.20 -11.46 -18.74
N ALA D 223 18.45 -11.03 -17.72
CA ALA D 223 18.70 -9.76 -17.06
C ALA D 223 19.28 -9.98 -15.67
N HIS D 224 20.29 -9.19 -15.32
CA HIS D 224 20.91 -9.19 -13.99
C HIS D 224 21.06 -7.74 -13.53
N PRO D 225 20.01 -7.18 -12.94
CA PRO D 225 20.03 -5.74 -12.61
C PRO D 225 21.15 -5.33 -11.66
N ALA D 226 21.64 -6.23 -10.81
CA ALA D 226 22.72 -5.85 -9.89
C ALA D 226 23.99 -5.44 -10.64
N SER D 227 24.22 -6.01 -11.82
CA SER D 227 25.32 -5.61 -12.69
C SER D 227 24.84 -4.80 -13.89
N SER D 228 23.56 -4.42 -13.91
CA SER D 228 22.95 -3.65 -15.00
C SER D 228 23.16 -4.31 -16.37
N THR D 229 23.26 -5.64 -16.37
CA THR D 229 23.61 -6.41 -17.55
C THR D 229 22.38 -7.14 -18.11
N THR D 230 22.32 -7.21 -19.45
CA THR D 230 21.35 -8.04 -20.16
C THR D 230 22.10 -8.82 -21.24
N VAL D 231 21.84 -10.12 -21.32
CA VAL D 231 22.42 -10.99 -22.35
C VAL D 231 21.28 -11.57 -23.18
N ASP D 232 21.30 -11.32 -24.49
CA ASP D 232 20.30 -11.86 -25.41
C ASP D 232 20.96 -12.94 -26.28
N LYS D 233 20.99 -14.18 -25.78
CA LYS D 233 21.61 -15.29 -26.48
C LYS D 233 20.61 -15.96 -27.41
N LYS D 234 20.90 -15.95 -28.71
CA LYS D 234 20.11 -16.68 -29.69
C LYS D 234 20.51 -18.15 -29.70
N LEU D 235 19.51 -19.04 -29.85
CA LEU D 235 19.75 -20.47 -29.88
C LEU D 235 20.09 -20.90 -31.31
N GLU D 236 21.29 -21.48 -31.50
CA GLU D 236 21.65 -21.87 -32.87
C GLU D 236 21.72 -23.39 -33.03
N PRO D 237 21.25 -23.94 -34.16
CA PRO D 237 21.30 -25.38 -34.40
C PRO D 237 22.70 -25.89 -34.79
#